data_3I4R
#
_entry.id   3I4R
#
_cell.length_a   115.554
_cell.length_b   133.047
_cell.length_c   176.303
_cell.angle_alpha   90.00
_cell.angle_beta   90.00
_cell.angle_gamma   90.00
#
_symmetry.space_group_name_H-M   'P 21 21 21'
#
loop_
_entity.id
_entity.type
_entity.pdbx_description
1 polymer 'Nuclear pore complex protein Nup107'
2 polymer 'Nuclear pore complex protein Nup133'
#
loop_
_entity_poly.entity_id
_entity_poly.type
_entity_poly.pdbx_seq_one_letter_code
_entity_poly.pdbx_strand_id
1 'polypeptide(L)'
;GSPALDTGTTEEDRLKIDVIDWLVFDPAQRAEALKQGNAIMRKFLASKKHEAAKEVFVKIPQDSIAEIYNQCEEQGMESP
LPAEDDNAIREHLCIRAYLEAHETFNEWFKHMNSVPQKPALIPQPTFTEKVAHEHKEKKYEMDFGIWKGHLDALTADVKE
KMYNVLLFVDGGWMVDVREDAKEDHERTHQMVLLRKLCLPMLCFLLHTILHSTGQYQECLQLADMVSSERHKLYLVFSKE
ELRKLLQKLRESSLMLLDQGLDPLGYEIQLSGRIVTD
;
A
2 'polypeptide(L)'
;GSHMDKIKLLKAAFLQYCRKDLGHAQMVVDELFSSHSDLDSDSELDRAVTQISVDLMDDYPASDPRWAESVPEEAPGFSN
TSLIILHQLEDKMKAHSFLMDFIHQVGLFGRLGSFPVRGTPMATRLLLCEHAEKLSAAIVLKNHHSRLSDLVNTAILIAL
NKREYEIPSNLTPADVFFREVSQVDTICECLLEHEEQVLRDAPMDSIEWAEVVINVNNILKDMLQAASHYRQNRNSLYRR
EESLEKEPEYVPWTATSGPGGIRTVIIRQHEIVLKVAYPQADSNLRNIVTEQLVALIDCFLDGYVSQLKSVDKSSNRERY
DNLEMEYLQKRSDLLSPLLSLGQYLWAASLAEKYCDFDILVQMCEQTDNQSRLQRYMTQFADQNFSDFLFRWYLEKGKRG
KLLSQPISQHGQLANFLQAHEHLSWLHEINSQELEKAHATLLGLANMETRYFAKKKTLLGLSKLAALASDFSEDMLQEKI
EEMAEQERFLLHQETLPEQLLAEKQLNLSAMPVLTAPQLIGLYICEENRRANEYDFKKALDLLEYIDEEEDININDLKLE
ILCKALQRDNWSSSDGKDDPIEVSKDSIFVKILQKLLKDGIQLSEYLPEVKDLLQADQLGSLKSNPYFEFVLKANYEYYV
QGQI
;
B
#
# COMPACT_ATOMS: atom_id res chain seq x y z
N GLU A 12 -37.83 -10.33 46.92
CA GLU A 12 -39.03 -9.67 46.43
C GLU A 12 -39.31 -9.98 44.97
N ASP A 13 -38.35 -10.63 44.31
CA ASP A 13 -38.51 -11.05 42.92
C ASP A 13 -39.80 -11.84 42.72
N ARG A 14 -40.01 -12.84 43.56
CA ARG A 14 -41.20 -13.70 43.46
C ARG A 14 -42.51 -12.93 43.65
N LEU A 15 -42.54 -12.00 44.61
CA LEU A 15 -43.73 -11.20 44.87
C LEU A 15 -44.27 -10.59 43.59
N LYS A 16 -43.34 -10.14 42.74
CA LYS A 16 -43.70 -9.41 41.52
C LYS A 16 -44.03 -10.36 40.38
N ILE A 17 -43.21 -11.37 40.17
CA ILE A 17 -43.45 -12.35 39.11
C ILE A 17 -44.67 -13.22 39.42
N ASP A 18 -45.15 -13.15 40.65
CA ASP A 18 -46.32 -13.93 41.08
C ASP A 18 -47.62 -13.14 40.95
N VAL A 19 -47.51 -11.82 40.99
CA VAL A 19 -48.69 -10.97 40.83
C VAL A 19 -49.18 -11.02 39.38
N ILE A 20 -48.37 -11.60 38.50
CA ILE A 20 -48.70 -11.72 37.08
C ILE A 20 -49.72 -12.84 36.80
N ASP A 21 -49.53 -13.98 37.44
CA ASP A 21 -50.43 -15.11 37.27
C ASP A 21 -51.82 -14.80 37.79
N TRP A 22 -51.89 -13.88 38.75
CA TRP A 22 -53.16 -13.45 39.31
C TRP A 22 -53.94 -12.59 38.30
N LEU A 23 -53.21 -11.78 37.55
CA LEU A 23 -53.81 -10.90 36.55
C LEU A 23 -54.07 -11.62 35.22
N VAL A 24 -53.29 -12.67 34.96
CA VAL A 24 -53.44 -13.47 33.76
C VAL A 24 -54.65 -14.41 33.87
N PHE A 25 -54.91 -14.89 35.08
CA PHE A 25 -56.02 -15.81 35.34
C PHE A 25 -57.35 -15.27 34.81
N ASP A 26 -57.63 -14.00 35.09
CA ASP A 26 -58.85 -13.35 34.63
C ASP A 26 -58.64 -12.67 33.28
N PRO A 27 -59.15 -13.29 32.20
CA PRO A 27 -58.98 -12.79 30.84
C PRO A 27 -59.51 -11.37 30.64
N ALA A 28 -60.38 -10.91 31.54
CA ALA A 28 -60.95 -9.57 31.45
C ALA A 28 -59.96 -8.50 31.91
N GLN A 29 -58.79 -8.94 32.33
CA GLN A 29 -57.76 -8.02 32.80
C GLN A 29 -56.44 -8.25 32.06
N ARG A 30 -56.54 -8.71 30.82
CA ARG A 30 -55.37 -9.01 30.02
C ARG A 30 -54.63 -7.72 29.64
N ALA A 31 -55.37 -6.63 29.48
CA ALA A 31 -54.76 -5.34 29.17
C ALA A 31 -53.96 -4.82 30.36
N GLU A 32 -54.41 -5.15 31.56
CA GLU A 32 -53.73 -4.74 32.78
C GLU A 32 -52.61 -5.71 33.13
N ALA A 33 -52.79 -6.97 32.73
CA ALA A 33 -51.77 -7.99 32.93
C ALA A 33 -50.54 -7.71 32.08
N LEU A 34 -50.77 -7.32 30.83
CA LEU A 34 -49.68 -7.00 29.92
C LEU A 34 -48.95 -5.76 30.41
N LYS A 35 -49.70 -4.68 30.62
CA LYS A 35 -49.16 -3.42 31.12
C LYS A 35 -48.29 -3.62 32.36
N GLN A 36 -48.80 -4.36 33.33
CA GLN A 36 -48.03 -4.64 34.55
C GLN A 36 -46.87 -5.58 34.28
N GLY A 37 -47.07 -6.51 33.35
CA GLY A 37 -46.00 -7.42 32.95
C GLY A 37 -44.84 -6.64 32.36
N ASN A 38 -45.18 -5.62 31.59
CA ASN A 38 -44.19 -4.71 31.02
C ASN A 38 -43.38 -4.01 32.10
N ALA A 39 -44.06 -3.33 33.00
CA ALA A 39 -43.43 -2.64 34.11
C ALA A 39 -42.45 -3.56 34.84
N ILE A 40 -42.94 -4.72 35.25
CA ILE A 40 -42.12 -5.69 35.96
C ILE A 40 -40.87 -6.07 35.15
N MET A 41 -41.06 -6.25 33.85
CA MET A 41 -39.96 -6.62 32.97
C MET A 41 -39.05 -5.43 32.66
N ARG A 42 -39.53 -4.22 32.93
CA ARG A 42 -38.70 -3.02 32.78
C ARG A 42 -37.71 -2.88 33.93
N LYS A 43 -38.12 -3.30 35.13
CA LYS A 43 -37.22 -3.31 36.28
C LYS A 43 -36.13 -4.37 36.10
N PHE A 44 -36.51 -5.55 35.63
CA PHE A 44 -35.57 -6.65 35.48
C PHE A 44 -34.57 -6.40 34.35
N LEU A 45 -35.01 -5.75 33.29
CA LEU A 45 -34.13 -5.43 32.16
C LEU A 45 -33.02 -4.47 32.57
N ALA A 46 -33.36 -3.52 33.41
CA ALA A 46 -32.40 -2.55 33.93
C ALA A 46 -31.36 -3.25 34.82
N SER A 47 -31.66 -4.49 35.21
CA SER A 47 -30.74 -5.29 36.00
C SER A 47 -30.13 -6.41 35.16
N LYS A 48 -30.63 -6.54 33.93
CA LYS A 48 -30.17 -7.56 32.99
C LYS A 48 -30.52 -8.98 33.43
N LYS A 49 -31.61 -9.09 34.18
CA LYS A 49 -32.12 -10.39 34.61
C LYS A 49 -33.01 -10.98 33.51
N HIS A 50 -32.38 -11.56 32.50
CA HIS A 50 -33.07 -12.03 31.31
C HIS A 50 -33.88 -13.30 31.53
N GLU A 51 -33.40 -14.16 32.42
CA GLU A 51 -34.19 -15.33 32.80
C GLU A 51 -35.36 -14.92 33.69
N ALA A 52 -35.21 -13.78 34.36
CA ALA A 52 -36.29 -13.21 35.16
C ALA A 52 -37.34 -12.64 34.23
N ALA A 53 -36.87 -11.80 33.30
CA ALA A 53 -37.74 -11.13 32.35
C ALA A 53 -38.52 -12.14 31.49
N LYS A 54 -37.86 -13.23 31.12
CA LYS A 54 -38.46 -14.22 30.24
C LYS A 54 -39.43 -15.15 30.96
N GLU A 55 -39.10 -15.49 32.21
CA GLU A 55 -39.98 -16.32 33.02
C GLU A 55 -41.32 -15.61 33.21
N VAL A 56 -41.27 -14.28 33.19
CA VAL A 56 -42.46 -13.46 33.19
C VAL A 56 -43.07 -13.44 31.80
N PHE A 57 -42.20 -13.42 30.78
CA PHE A 57 -42.62 -13.28 29.39
C PHE A 57 -43.42 -14.47 28.87
N VAL A 58 -43.22 -15.63 29.50
CA VAL A 58 -43.96 -16.83 29.11
C VAL A 58 -45.31 -16.89 29.82
N LYS A 59 -45.37 -16.36 31.04
CA LYS A 59 -46.61 -16.31 31.79
C LYS A 59 -47.68 -15.54 31.02
N ILE A 60 -47.24 -14.58 30.20
CA ILE A 60 -48.12 -13.87 29.29
C ILE A 60 -48.52 -14.81 28.15
N PRO A 61 -49.78 -15.27 28.18
CA PRO A 61 -50.27 -16.20 27.16
C PRO A 61 -49.84 -15.73 25.78
N GLN A 62 -49.46 -16.67 24.92
CA GLN A 62 -48.94 -16.34 23.60
C GLN A 62 -49.99 -15.65 22.73
N ASP A 63 -51.26 -15.74 23.12
CA ASP A 63 -52.34 -15.17 22.32
C ASP A 63 -52.97 -13.94 22.97
N SER A 64 -52.25 -13.34 23.92
CA SER A 64 -52.76 -12.15 24.61
C SER A 64 -53.07 -11.02 23.63
N ILE A 65 -52.10 -10.68 22.80
CA ILE A 65 -52.23 -9.58 21.85
C ILE A 65 -53.50 -9.67 20.99
N ALA A 66 -53.76 -10.86 20.46
CA ALA A 66 -54.91 -11.07 19.58
C ALA A 66 -56.22 -10.69 20.26
N GLU A 67 -56.43 -11.22 21.47
CA GLU A 67 -57.69 -11.06 22.18
C GLU A 67 -57.97 -9.61 22.60
N ILE A 68 -56.95 -8.95 23.16
CA ILE A 68 -57.11 -7.59 23.69
C ILE A 68 -57.80 -6.63 22.72
N TYR A 69 -57.52 -6.76 21.43
CA TYR A 69 -58.13 -5.89 20.44
C TYR A 69 -59.65 -5.85 20.54
N LEU A 81 -58.77 1.41 21.16
CA LEU A 81 -57.48 1.13 21.78
C LEU A 81 -56.93 2.38 22.47
N PRO A 82 -57.06 2.44 23.81
CA PRO A 82 -56.54 3.56 24.60
C PRO A 82 -55.05 3.72 24.40
N ALA A 83 -54.54 4.92 24.65
CA ALA A 83 -53.12 5.20 24.45
C ALA A 83 -52.25 4.30 25.33
N GLU A 84 -52.85 3.73 26.37
CA GLU A 84 -52.13 2.92 27.34
C GLU A 84 -52.03 1.46 26.91
N ASP A 85 -52.85 1.08 25.95
CA ASP A 85 -52.88 -0.29 25.44
C ASP A 85 -52.13 -0.41 24.13
N ASP A 86 -52.09 0.67 23.35
CA ASP A 86 -51.35 0.70 22.10
C ASP A 86 -49.85 0.65 22.40
N ASN A 87 -49.43 1.35 23.45
CA ASN A 87 -48.03 1.40 23.83
C ASN A 87 -47.55 0.13 24.50
N ALA A 88 -48.39 -0.45 25.35
CA ALA A 88 -48.03 -1.65 26.08
C ALA A 88 -47.91 -2.86 25.17
N ILE A 89 -48.66 -2.85 24.07
CA ILE A 89 -48.54 -3.89 23.04
C ILE A 89 -47.23 -3.73 22.30
N ARG A 90 -46.88 -2.47 22.01
CA ARG A 90 -45.62 -2.15 21.34
C ARG A 90 -44.42 -2.44 22.23
N GLU A 91 -44.52 -2.02 23.49
CA GLU A 91 -43.46 -2.25 24.46
C GLU A 91 -43.17 -3.74 24.63
N HIS A 92 -44.23 -4.54 24.69
CA HIS A 92 -44.10 -5.98 24.87
C HIS A 92 -43.29 -6.62 23.75
N LEU A 93 -43.58 -6.22 22.51
CA LEU A 93 -42.86 -6.74 21.36
C LEU A 93 -41.42 -6.23 21.31
N CYS A 94 -41.24 -4.96 21.66
CA CYS A 94 -39.91 -4.39 21.81
C CYS A 94 -39.10 -5.26 22.76
N ILE A 95 -39.71 -5.59 23.89
CA ILE A 95 -39.06 -6.42 24.90
C ILE A 95 -38.77 -7.82 24.36
N ARG A 96 -39.65 -8.37 23.54
CA ARG A 96 -39.40 -9.67 22.94
C ARG A 96 -38.27 -9.58 21.93
N ALA A 97 -38.21 -8.46 21.20
CA ALA A 97 -37.16 -8.20 20.23
C ALA A 97 -35.82 -8.11 20.94
N TYR A 98 -35.84 -7.59 22.16
CA TYR A 98 -34.62 -7.47 22.95
C TYR A 98 -34.18 -8.84 23.47
N LEU A 99 -35.11 -9.55 24.12
CA LEU A 99 -34.80 -10.87 24.64
C LEU A 99 -34.25 -11.79 23.54
N GLU A 100 -34.98 -11.90 22.43
CA GLU A 100 -34.54 -12.74 21.31
C GLU A 100 -33.16 -12.34 20.79
N ALA A 101 -32.74 -11.12 21.10
CA ALA A 101 -31.42 -10.64 20.69
C ALA A 101 -30.34 -11.04 21.69
N HIS A 102 -30.75 -11.73 22.75
CA HIS A 102 -29.81 -12.26 23.74
C HIS A 102 -29.89 -13.79 23.79
N GLU A 103 -31.03 -14.33 23.40
CA GLU A 103 -31.19 -15.78 23.34
C GLU A 103 -30.32 -16.34 22.22
N THR A 104 -30.26 -15.62 21.11
CA THR A 104 -29.54 -16.07 19.92
C THR A 104 -28.05 -15.74 19.97
N PHE A 105 -27.68 -14.78 20.83
CA PHE A 105 -26.28 -14.40 20.99
C PHE A 105 -25.56 -15.37 21.92
N ASN A 106 -26.25 -15.78 22.96
CA ASN A 106 -25.67 -16.69 23.93
C ASN A 106 -25.48 -18.08 23.34
N GLU A 107 -26.35 -18.44 22.41
CA GLU A 107 -26.18 -19.67 21.65
C GLU A 107 -24.97 -19.51 20.72
N TRP A 108 -24.99 -18.45 19.92
CA TRP A 108 -23.87 -18.11 19.04
C TRP A 108 -22.57 -18.04 19.82
N PHE A 109 -22.60 -17.36 20.96
CA PHE A 109 -21.40 -17.17 21.77
C PHE A 109 -20.92 -18.48 22.38
N LYS A 110 -21.85 -19.31 22.82
CA LYS A 110 -21.52 -20.63 23.34
C LYS A 110 -20.79 -21.44 22.28
N HIS A 111 -21.21 -21.29 21.03
CA HIS A 111 -20.63 -22.04 19.91
C HIS A 111 -19.23 -21.55 19.55
N MET A 112 -19.06 -20.24 19.51
CA MET A 112 -17.77 -19.65 19.22
C MET A 112 -16.69 -20.20 20.15
N ASN A 113 -17.12 -20.69 21.31
CA ASN A 113 -16.21 -21.23 22.31
C ASN A 113 -16.22 -22.76 22.38
N SER A 114 -16.48 -23.40 21.24
CA SER A 114 -16.47 -24.85 21.16
C SER A 114 -15.84 -25.29 19.85
N VAL A 115 -14.87 -24.52 19.37
CA VAL A 115 -14.18 -24.83 18.12
C VAL A 115 -13.42 -26.14 18.21
N PRO A 116 -13.57 -26.99 17.20
CA PRO A 116 -12.79 -28.22 17.14
C PRO A 116 -11.33 -27.93 17.44
N GLN A 117 -10.71 -28.74 18.31
CA GLN A 117 -9.31 -28.56 18.66
C GLN A 117 -8.40 -29.31 17.69
N LYS A 118 -7.27 -28.69 17.36
CA LYS A 118 -6.29 -29.29 16.45
C LYS A 118 -5.92 -30.68 16.94
N PRO A 119 -5.55 -31.58 16.00
CA PRO A 119 -5.04 -32.89 16.42
C PRO A 119 -3.76 -32.74 17.23
N ALA A 120 -3.62 -33.53 18.28
CA ALA A 120 -2.41 -33.49 19.08
C ALA A 120 -1.25 -34.15 18.33
N LEU A 121 -0.07 -33.57 18.43
CA LEU A 121 1.09 -34.09 17.72
C LEU A 121 1.96 -35.01 18.59
N ILE A 122 2.35 -36.14 18.03
CA ILE A 122 3.23 -37.07 18.73
C ILE A 122 4.58 -37.12 18.04
N PRO A 123 5.40 -36.08 18.25
CA PRO A 123 6.73 -36.07 17.63
C PRO A 123 7.48 -37.39 17.82
N GLN A 124 8.19 -37.82 16.78
CA GLN A 124 8.87 -39.11 16.77
C GLN A 124 7.86 -40.26 16.81
N PRO A 125 6.91 -40.26 15.87
CA PRO A 125 5.78 -41.20 15.92
C PRO A 125 6.15 -42.60 15.45
N THR A 126 5.50 -43.60 16.02
CA THR A 126 5.57 -44.94 15.47
C THR A 126 4.73 -44.95 14.19
N PHE A 127 4.87 -45.98 13.38
CA PHE A 127 4.14 -46.05 12.13
C PHE A 127 2.65 -46.30 12.37
N THR A 128 2.33 -46.75 13.58
CA THR A 128 0.94 -46.90 14.00
C THR A 128 0.36 -45.51 14.27
N GLU A 129 1.05 -44.76 15.13
CA GLU A 129 0.65 -43.42 15.53
C GLU A 129 0.63 -42.45 14.35
N LYS A 130 1.40 -42.78 13.31
CA LYS A 130 1.42 -41.97 12.10
C LYS A 130 0.09 -42.01 11.37
N VAL A 131 -0.53 -43.19 11.34
CA VAL A 131 -1.79 -43.37 10.61
C VAL A 131 -3.03 -42.93 11.42
N ALA A 132 -3.05 -43.27 12.70
CA ALA A 132 -4.11 -42.75 13.57
C ALA A 132 -4.17 -41.24 13.44
N HIS A 133 -3.01 -40.61 13.25
CA HIS A 133 -2.90 -39.17 13.16
C HIS A 133 -3.24 -38.61 11.77
N GLU A 134 -2.97 -39.38 10.72
CA GLU A 134 -3.38 -39.00 9.37
C GLU A 134 -4.90 -38.91 9.27
N HIS A 135 -5.59 -39.62 10.17
CA HIS A 135 -7.05 -39.69 10.21
C HIS A 135 -7.65 -38.65 11.13
N LYS A 136 -7.10 -38.53 12.33
CA LYS A 136 -7.51 -37.51 13.29
C LYS A 136 -7.32 -36.12 12.69
N GLU A 137 -6.33 -36.01 11.80
CA GLU A 137 -6.02 -34.75 11.13
C GLU A 137 -6.97 -34.49 9.97
N LYS A 138 -7.50 -35.59 9.41
CA LYS A 138 -8.46 -35.50 8.30
C LYS A 138 -9.90 -35.37 8.78
N LYS A 139 -10.17 -35.89 9.98
CA LYS A 139 -11.49 -35.71 10.58
C LYS A 139 -11.65 -34.28 11.09
N TYR A 140 -10.61 -33.74 11.72
CA TYR A 140 -10.64 -32.36 12.20
C TYR A 140 -10.85 -31.38 11.06
N GLU A 141 -10.32 -31.72 9.88
CA GLU A 141 -10.46 -30.87 8.70
C GLU A 141 -11.82 -31.09 8.05
N MET A 142 -12.75 -31.63 8.84
CA MET A 142 -14.14 -31.80 8.42
C MET A 142 -15.02 -31.06 9.42
N ASP A 143 -14.64 -31.15 10.69
CA ASP A 143 -15.39 -30.53 11.78
C ASP A 143 -15.23 -29.01 11.78
N PHE A 144 -14.01 -28.54 11.52
CA PHE A 144 -13.75 -27.10 11.48
C PHE A 144 -14.53 -26.42 10.36
N GLY A 145 -14.88 -27.19 9.33
CA GLY A 145 -15.66 -26.67 8.22
C GLY A 145 -17.13 -26.50 8.59
N ILE A 146 -17.63 -27.40 9.43
CA ILE A 146 -19.02 -27.33 9.89
C ILE A 146 -19.20 -26.35 11.03
N TRP A 147 -18.18 -26.24 11.87
CA TRP A 147 -18.19 -25.28 12.97
C TRP A 147 -18.07 -23.86 12.39
N LYS A 148 -17.83 -23.76 11.09
CA LYS A 148 -17.95 -22.47 10.38
C LYS A 148 -19.31 -22.46 9.70
N GLY A 149 -19.75 -23.63 9.28
CA GLY A 149 -21.09 -23.87 8.81
C GLY A 149 -22.16 -23.51 9.83
N HIS A 150 -22.14 -24.14 11.01
CA HIS A 150 -23.15 -23.83 12.02
C HIS A 150 -23.00 -22.39 12.46
N LEU A 151 -21.76 -21.92 12.49
CA LEU A 151 -21.48 -20.55 12.93
C LEU A 151 -22.14 -19.52 12.03
N ASP A 152 -21.93 -19.68 10.72
CA ASP A 152 -22.50 -18.78 9.73
C ASP A 152 -24.00 -18.65 9.87
N ALA A 153 -24.67 -19.76 10.20
CA ALA A 153 -26.11 -19.77 10.35
C ALA A 153 -26.55 -19.19 11.70
N LEU A 154 -25.67 -19.24 12.69
CA LEU A 154 -25.95 -18.62 13.99
C LEU A 154 -25.52 -17.16 13.98
N THR A 155 -24.67 -16.80 13.02
CA THR A 155 -24.25 -15.42 12.82
C THR A 155 -25.28 -14.68 11.99
N ALA A 156 -25.79 -15.34 10.96
CA ALA A 156 -26.84 -14.76 10.12
C ALA A 156 -28.11 -14.51 10.93
N ASP A 157 -28.32 -15.31 11.97
CA ASP A 157 -29.53 -15.22 12.79
C ASP A 157 -29.40 -14.23 13.93
N VAL A 158 -28.27 -14.25 14.64
CA VAL A 158 -28.09 -13.32 15.75
C VAL A 158 -28.00 -11.89 15.23
N LYS A 159 -27.43 -11.72 14.03
CA LYS A 159 -27.33 -10.40 13.41
C LYS A 159 -28.71 -9.79 13.14
N GLU A 160 -29.53 -10.52 12.40
CA GLU A 160 -30.90 -10.12 12.11
C GLU A 160 -31.62 -9.57 13.36
N LYS A 161 -31.52 -10.29 14.47
CA LYS A 161 -32.17 -9.89 15.72
C LYS A 161 -31.60 -8.58 16.26
N MET A 162 -30.30 -8.41 16.11
CA MET A 162 -29.65 -7.20 16.62
C MET A 162 -30.03 -5.97 15.81
N TYR A 163 -30.46 -6.18 14.56
CA TYR A 163 -30.91 -5.09 13.69
C TYR A 163 -32.41 -4.85 13.83
N ASN A 164 -33.12 -5.84 14.34
CA ASN A 164 -34.54 -5.66 14.64
C ASN A 164 -34.74 -4.78 15.87
N VAL A 165 -33.79 -4.86 16.81
CA VAL A 165 -33.83 -4.04 18.01
C VAL A 165 -33.26 -2.65 17.76
N LEU A 166 -32.07 -2.62 17.16
CA LEU A 166 -31.39 -1.36 16.86
C LEU A 166 -32.16 -0.50 15.85
N LEU A 167 -32.77 -1.15 14.86
CA LEU A 167 -33.54 -0.44 13.85
C LEU A 167 -35.03 -0.66 14.02
N PHE A 168 -35.48 -0.80 15.27
CA PHE A 168 -36.88 -1.15 15.54
C PHE A 168 -37.84 -0.37 14.64
N VAL A 169 -38.75 -1.09 14.01
CA VAL A 169 -39.66 -0.49 13.05
C VAL A 169 -40.66 0.48 13.69
N ASP A 170 -40.89 1.60 13.01
CA ASP A 170 -41.94 2.55 13.37
C ASP A 170 -41.69 3.40 14.63
N GLY A 171 -40.47 3.91 14.79
CA GLY A 171 -40.22 4.88 15.84
C GLY A 171 -39.11 4.56 16.83
N GLY A 172 -38.33 3.53 16.55
CA GLY A 172 -37.23 3.15 17.41
C GLY A 172 -37.64 2.32 18.61
N TRP A 173 -36.66 1.67 19.23
CA TRP A 173 -36.90 0.75 20.35
C TRP A 173 -37.32 1.47 21.62
N MET A 174 -38.26 0.86 22.35
CA MET A 174 -38.77 1.44 23.59
C MET A 174 -39.19 2.89 23.39
N VAL A 175 -39.72 3.20 22.22
CA VAL A 175 -40.21 4.54 21.95
C VAL A 175 -41.69 4.49 21.57
N ASP A 176 -42.53 5.06 22.42
CA ASP A 176 -43.97 5.08 22.17
C ASP A 176 -44.30 5.67 20.80
N VAL A 177 -45.31 5.10 20.15
CA VAL A 177 -45.83 5.64 18.90
C VAL A 177 -47.05 6.50 19.22
N ARG A 178 -47.80 6.06 20.23
CA ARG A 178 -48.98 6.78 20.69
C ARG A 178 -48.57 7.91 21.63
N GLU A 179 -49.11 9.11 21.40
CA GLU A 179 -48.68 10.27 22.17
C GLU A 179 -49.81 10.97 22.94
N ASP A 180 -50.88 10.24 23.23
CA ASP A 180 -52.02 10.82 23.93
C ASP A 180 -52.39 10.10 25.23
N ALA A 181 -51.44 9.38 25.80
CA ALA A 181 -51.63 8.73 27.10
C ALA A 181 -51.49 9.76 28.21
N LYS A 182 -51.83 9.36 29.43
CA LYS A 182 -51.70 10.22 30.60
C LYS A 182 -50.32 10.06 31.23
N GLU A 183 -49.83 11.13 31.85
CA GLU A 183 -48.47 11.16 32.39
C GLU A 183 -48.06 9.93 33.20
N ASP A 184 -46.92 9.37 32.82
CA ASP A 184 -46.33 8.26 33.57
C ASP A 184 -44.81 8.42 33.52
N HIS A 185 -44.31 9.34 34.36
CA HIS A 185 -42.89 9.66 34.39
C HIS A 185 -42.02 8.45 34.71
N GLU A 186 -42.49 7.60 35.61
CA GLU A 186 -41.76 6.39 35.96
C GLU A 186 -41.48 5.58 34.70
N ARG A 187 -42.54 5.17 34.01
CA ARG A 187 -42.42 4.40 32.78
C ARG A 187 -41.60 5.13 31.71
N THR A 188 -41.99 6.36 31.41
CA THR A 188 -41.33 7.13 30.36
C THR A 188 -39.81 7.25 30.56
N HIS A 189 -39.40 7.56 31.77
CA HIS A 189 -37.98 7.67 32.08
C HIS A 189 -37.32 6.30 32.20
N GLN A 190 -38.14 5.27 32.40
CA GLN A 190 -37.66 3.90 32.40
C GLN A 190 -37.40 3.47 30.97
N MET A 191 -38.09 4.12 30.03
CA MET A 191 -37.97 3.79 28.62
C MET A 191 -36.81 4.52 27.96
N VAL A 192 -36.46 5.68 28.52
CA VAL A 192 -35.29 6.40 28.05
C VAL A 192 -34.03 5.71 28.56
N LEU A 193 -34.07 5.31 29.83
CA LEU A 193 -32.94 4.62 30.45
C LEU A 193 -32.64 3.30 29.74
N LEU A 194 -33.66 2.46 29.61
CA LEU A 194 -33.50 1.16 28.96
C LEU A 194 -32.82 1.30 27.61
N ARG A 195 -33.02 2.44 26.97
CA ARG A 195 -32.40 2.70 25.68
C ARG A 195 -30.92 3.02 25.83
N LYS A 196 -30.56 3.69 26.92
CA LYS A 196 -29.17 4.10 27.17
C LYS A 196 -28.32 3.01 27.83
N LEU A 197 -28.96 1.96 28.32
CA LEU A 197 -28.23 0.84 28.90
C LEU A 197 -28.04 -0.28 27.89
N CYS A 198 -28.97 -0.37 26.95
CA CYS A 198 -29.10 -1.58 26.14
C CYS A 198 -28.79 -1.38 24.66
N LEU A 199 -28.91 -0.15 24.18
CA LEU A 199 -28.56 0.17 22.80
C LEU A 199 -27.05 0.36 22.61
N PRO A 200 -26.37 0.95 23.60
CA PRO A 200 -24.90 0.94 23.56
C PRO A 200 -24.39 -0.48 23.69
N MET A 201 -25.09 -1.30 24.47
CA MET A 201 -24.64 -2.66 24.76
C MET A 201 -24.93 -3.64 23.63
N LEU A 202 -26.00 -3.41 22.88
CA LEU A 202 -26.31 -4.24 21.70
C LEU A 202 -25.41 -3.90 20.52
N CYS A 203 -25.10 -2.62 20.35
CA CYS A 203 -24.16 -2.19 19.33
C CYS A 203 -22.78 -2.84 19.52
N PHE A 204 -22.24 -2.74 20.72
CA PHE A 204 -20.95 -3.32 21.05
C PHE A 204 -20.90 -4.83 20.86
N LEU A 205 -22.03 -5.49 21.03
CA LEU A 205 -22.13 -6.93 20.80
C LEU A 205 -22.07 -7.24 19.32
N LEU A 206 -22.95 -6.58 18.56
CA LEU A 206 -22.99 -6.72 17.12
C LEU A 206 -21.63 -6.45 16.50
N HIS A 207 -20.93 -5.47 17.04
CA HIS A 207 -19.56 -5.19 16.60
C HIS A 207 -18.66 -6.38 16.90
N THR A 208 -18.89 -7.00 18.05
CA THR A 208 -18.11 -8.17 18.46
C THR A 208 -18.46 -9.40 17.61
N ILE A 209 -19.71 -9.49 17.18
CA ILE A 209 -20.12 -10.57 16.30
C ILE A 209 -19.55 -10.38 14.89
N LEU A 210 -19.63 -9.16 14.37
CA LEU A 210 -19.12 -8.84 13.05
C LEU A 210 -17.62 -8.99 12.99
N HIS A 211 -16.94 -8.60 14.06
CA HIS A 211 -15.49 -8.71 14.11
C HIS A 211 -15.06 -10.17 14.24
N SER A 212 -15.78 -10.91 15.07
CA SER A 212 -15.44 -12.31 15.31
C SER A 212 -15.60 -13.18 14.08
N THR A 213 -16.48 -12.77 13.17
CA THR A 213 -16.71 -13.53 11.94
C THR A 213 -15.98 -12.93 10.74
N GLY A 214 -15.22 -11.85 10.99
CA GLY A 214 -14.42 -11.23 9.95
C GLY A 214 -15.19 -10.37 8.96
N GLN A 215 -16.39 -9.94 9.35
CA GLN A 215 -17.18 -9.05 8.52
C GLN A 215 -16.81 -7.59 8.83
N TYR A 216 -15.59 -7.21 8.44
CA TYR A 216 -15.03 -5.91 8.82
C TYR A 216 -15.64 -4.71 8.09
N GLN A 217 -15.95 -4.87 6.82
CA GLN A 217 -16.58 -3.81 6.05
C GLN A 217 -17.88 -3.36 6.75
N GLU A 218 -18.64 -4.33 7.23
CA GLU A 218 -19.93 -4.07 7.85
C GLU A 218 -19.78 -3.47 9.24
N CYS A 219 -18.72 -3.89 9.95
CA CYS A 219 -18.41 -3.31 11.26
C CYS A 219 -18.38 -1.80 11.16
N LEU A 220 -17.61 -1.30 10.20
CA LEU A 220 -17.48 0.13 9.98
C LEU A 220 -18.81 0.78 9.63
N GLN A 221 -19.75 0.01 9.11
CA GLN A 221 -21.07 0.52 8.74
C GLN A 221 -22.00 0.58 9.93
N LEU A 222 -21.44 0.48 11.12
CA LEU A 222 -22.19 0.71 12.35
C LEU A 222 -22.16 2.20 12.64
N ALA A 223 -21.25 2.90 11.98
CA ALA A 223 -21.11 4.34 12.15
C ALA A 223 -22.10 5.10 11.28
N ASP A 224 -22.74 4.38 10.35
CA ASP A 224 -23.82 4.94 9.57
C ASP A 224 -25.12 4.73 10.33
N MET A 225 -25.32 3.49 10.79
CA MET A 225 -26.49 3.10 11.56
C MET A 225 -26.68 3.99 12.78
N VAL A 226 -25.60 4.19 13.54
CA VAL A 226 -25.63 4.97 14.77
C VAL A 226 -25.86 6.46 14.53
N SER A 227 -24.97 7.08 13.76
CA SER A 227 -25.07 8.51 13.49
C SER A 227 -26.36 8.88 12.75
N SER A 228 -26.94 7.91 12.05
CA SER A 228 -28.13 8.13 11.25
C SER A 228 -29.11 9.11 11.87
N GLU A 229 -29.65 10.01 11.06
CA GLU A 229 -30.68 10.94 11.52
C GLU A 229 -32.04 10.25 11.53
N ARG A 230 -32.12 9.09 10.90
CA ARG A 230 -33.37 8.33 10.85
C ARG A 230 -33.69 7.69 12.20
N HIS A 231 -32.65 7.37 12.96
CA HIS A 231 -32.82 6.71 14.25
C HIS A 231 -32.31 7.57 15.39
N LYS A 232 -31.33 8.43 15.11
CA LYS A 232 -30.69 9.23 16.14
C LYS A 232 -30.23 8.34 17.29
N LEU A 233 -29.51 7.27 16.97
CA LEU A 233 -29.03 6.34 17.98
C LEU A 233 -27.90 6.94 18.80
N TYR A 234 -27.23 7.92 18.21
CA TYR A 234 -26.04 8.53 18.80
C TYR A 234 -26.35 9.36 20.05
N LEU A 235 -27.63 9.68 20.24
CA LEU A 235 -28.08 10.45 21.38
C LEU A 235 -28.19 9.56 22.61
N VAL A 236 -28.36 8.27 22.37
CA VAL A 236 -28.42 7.26 23.42
C VAL A 236 -27.03 6.87 23.92
N PHE A 237 -26.00 7.45 23.31
CA PHE A 237 -24.63 7.18 23.70
C PHE A 237 -24.05 8.29 24.59
N SER A 238 -23.29 7.90 25.61
CA SER A 238 -22.45 8.84 26.33
C SER A 238 -21.23 9.12 25.47
N LYS A 239 -20.61 10.28 25.64
CA LYS A 239 -19.42 10.63 24.86
C LYS A 239 -18.34 9.56 24.96
N GLU A 240 -18.21 8.93 26.12
CA GLU A 240 -17.19 7.91 26.33
C GLU A 240 -17.49 6.67 25.49
N GLU A 241 -18.75 6.25 25.51
CA GLU A 241 -19.17 5.08 24.75
C GLU A 241 -18.88 5.26 23.26
N LEU A 242 -19.10 6.47 22.76
CA LEU A 242 -18.80 6.78 21.37
C LEU A 242 -17.34 6.45 21.04
N ARG A 243 -16.42 7.17 21.67
CA ARG A 243 -15.00 6.94 21.46
C ARG A 243 -14.69 5.46 21.49
N LYS A 244 -15.26 4.76 22.47
CA LYS A 244 -15.05 3.33 22.61
C LYS A 244 -15.48 2.58 21.35
N LEU A 245 -16.59 3.02 20.76
CA LEU A 245 -17.08 2.46 19.51
C LEU A 245 -16.17 2.86 18.36
N LEU A 246 -15.47 3.98 18.53
CA LEU A 246 -14.55 4.49 17.51
C LEU A 246 -13.18 3.84 17.59
N GLN A 247 -12.89 3.19 18.71
CA GLN A 247 -11.64 2.47 18.88
C GLN A 247 -11.91 0.99 18.61
N LYS A 248 -13.19 0.67 18.49
CA LYS A 248 -13.61 -0.67 18.09
C LYS A 248 -13.61 -0.78 16.58
N LEU A 249 -14.05 0.26 15.90
CA LEU A 249 -14.08 0.30 14.44
C LEU A 249 -12.70 0.42 13.83
N ARG A 250 -11.82 1.18 14.47
CA ARG A 250 -10.45 1.33 14.00
C ARG A 250 -9.73 -0.01 14.05
N GLU A 251 -10.28 -0.93 14.84
CA GLU A 251 -9.73 -2.27 15.00
C GLU A 251 -10.15 -3.18 13.85
N SER A 252 -11.41 -3.09 13.46
CA SER A 252 -11.88 -3.78 12.27
C SER A 252 -11.14 -3.25 11.05
N SER A 253 -10.96 -1.93 10.99
CA SER A 253 -10.26 -1.30 9.87
C SER A 253 -8.89 -1.92 9.63
N LEU A 254 -8.13 -2.07 10.71
CA LEU A 254 -6.80 -2.67 10.63
C LEU A 254 -6.84 -3.97 9.83
N MET A 255 -7.60 -4.94 10.32
CA MET A 255 -7.73 -6.22 9.64
C MET A 255 -8.08 -6.07 8.16
N LEU A 256 -8.72 -4.96 7.80
CA LEU A 256 -9.06 -4.69 6.39
C LEU A 256 -7.84 -4.20 5.61
N LEU A 257 -6.91 -3.56 6.31
CA LEU A 257 -5.64 -3.17 5.70
C LEU A 257 -4.76 -4.39 5.49
N ASP A 258 -4.73 -5.27 6.49
CA ASP A 258 -3.98 -6.52 6.41
C ASP A 258 -4.44 -7.35 5.23
N GLN A 259 -5.68 -7.14 4.80
CA GLN A 259 -6.23 -7.86 3.66
C GLN A 259 -5.91 -7.14 2.36
N GLY A 260 -5.42 -5.91 2.47
CA GLY A 260 -4.98 -5.15 1.31
C GLY A 260 -5.96 -4.11 0.83
N LEU A 261 -7.11 -4.00 1.51
CA LEU A 261 -8.14 -3.03 1.14
C LEU A 261 -7.95 -1.73 1.92
N ASP A 262 -8.71 -0.69 1.57
CA ASP A 262 -8.65 0.57 2.29
C ASP A 262 -9.34 0.44 3.66
N PRO A 263 -9.21 1.47 4.52
CA PRO A 263 -9.78 1.39 5.87
C PRO A 263 -11.21 0.85 5.90
N LEU A 264 -12.02 1.25 4.92
CA LEU A 264 -13.46 0.94 4.93
C LEU A 264 -13.83 -0.31 4.11
N GLY A 265 -12.82 -0.99 3.56
CA GLY A 265 -13.02 -2.27 2.91
C GLY A 265 -13.11 -2.26 1.39
N TYR A 266 -12.94 -1.07 0.81
CA TYR A 266 -13.06 -0.91 -0.65
C TYR A 266 -11.70 -1.05 -1.34
N GLU A 267 -11.71 -1.75 -2.48
CA GLU A 267 -10.48 -2.00 -3.23
C GLU A 267 -9.66 -0.72 -3.42
N ILE A 268 -8.35 -0.83 -3.23
CA ILE A 268 -7.46 0.27 -3.52
C ILE A 268 -7.09 0.25 -5.00
N GLN A 269 -7.71 1.14 -5.77
CA GLN A 269 -7.39 1.25 -7.19
C GLN A 269 -6.13 2.07 -7.38
N LYS B 6 50.03 11.04 -40.58
CA LYS B 6 50.62 9.86 -41.19
C LYS B 6 51.71 9.25 -40.31
N ILE B 7 52.30 8.15 -40.77
CA ILE B 7 53.29 7.41 -39.99
C ILE B 7 54.59 8.19 -39.82
N LYS B 8 54.81 9.15 -40.71
CA LYS B 8 56.01 9.97 -40.66
C LYS B 8 55.95 10.97 -39.51
N LEU B 9 54.74 11.28 -39.05
CA LEU B 9 54.56 12.24 -37.96
C LEU B 9 54.70 11.60 -36.57
N LEU B 10 54.00 10.50 -36.35
CA LEU B 10 54.07 9.82 -35.06
C LEU B 10 55.44 9.18 -34.85
N LYS B 11 56.27 9.21 -35.89
CA LYS B 11 57.63 8.70 -35.81
C LYS B 11 58.59 9.87 -35.68
N ALA B 12 58.02 11.07 -35.63
CA ALA B 12 58.82 12.27 -35.46
C ALA B 12 58.68 12.82 -34.04
N ALA B 13 57.53 12.57 -33.42
CA ALA B 13 57.35 12.93 -32.01
C ALA B 13 57.89 11.82 -31.12
N PHE B 14 57.81 10.58 -31.61
CA PHE B 14 58.43 9.45 -30.90
C PHE B 14 59.93 9.63 -30.93
N LEU B 15 60.41 10.49 -31.81
CA LEU B 15 61.82 10.82 -31.91
C LEU B 15 62.15 12.06 -31.08
N GLN B 16 61.12 12.85 -30.77
CA GLN B 16 61.31 14.04 -29.96
C GLN B 16 61.14 13.73 -28.46
N TYR B 17 60.45 12.64 -28.15
CA TYR B 17 60.36 12.16 -26.77
C TYR B 17 61.63 11.46 -26.34
N CYS B 18 62.34 10.90 -27.32
CA CYS B 18 63.62 10.25 -27.05
C CYS B 18 64.64 11.30 -26.64
N ARG B 19 64.56 12.47 -27.27
CA ARG B 19 65.40 13.60 -26.92
C ARG B 19 64.80 14.39 -25.76
N LYS B 20 63.55 14.10 -25.43
CA LYS B 20 62.86 14.81 -24.34
C LYS B 20 63.24 14.23 -22.99
N ASP B 21 64.17 13.28 -23.01
CA ASP B 21 64.69 12.69 -21.78
C ASP B 21 66.04 13.30 -21.45
N LEU B 22 66.75 13.74 -22.49
CA LEU B 22 68.05 14.40 -22.33
C LEU B 22 67.91 15.92 -22.17
N GLY B 23 67.46 16.59 -23.22
CA GLY B 23 67.19 18.03 -23.17
C GLY B 23 65.85 18.35 -23.81
N HIS B 24 65.44 19.61 -23.74
CA HIS B 24 64.12 20.00 -24.22
C HIS B 24 64.16 20.98 -25.39
N ALA B 25 65.03 21.98 -25.32
CA ALA B 25 65.09 23.03 -26.32
C ALA B 25 64.76 22.56 -27.75
N GLN B 26 65.42 21.51 -28.22
CA GLN B 26 65.23 21.02 -29.57
C GLN B 26 63.83 20.41 -29.76
N MET B 27 63.34 19.74 -28.73
CA MET B 27 62.03 19.11 -28.80
C MET B 27 60.91 20.15 -28.73
N VAL B 28 61.18 21.27 -28.06
CA VAL B 28 60.20 22.34 -27.93
C VAL B 28 60.08 23.14 -29.21
N VAL B 29 61.00 22.92 -30.14
CA VAL B 29 60.94 23.57 -31.44
C VAL B 29 60.36 22.66 -32.51
N ASP B 30 60.23 21.37 -32.17
CA ASP B 30 59.53 20.43 -33.03
C ASP B 30 58.06 20.35 -32.60
N GLU B 31 57.77 20.89 -31.44
CA GLU B 31 56.39 21.06 -31.00
C GLU B 31 55.92 22.45 -31.43
N LEU B 32 56.86 23.34 -31.69
CA LEU B 32 56.57 24.69 -32.18
C LEU B 32 56.43 24.66 -33.68
N PHE B 33 57.17 23.76 -34.33
CA PHE B 33 57.01 23.54 -35.75
C PHE B 33 55.72 22.75 -35.94
N SER B 34 55.34 22.01 -34.91
CA SER B 34 54.10 21.26 -34.97
C SER B 34 52.87 22.18 -34.97
N SER B 35 52.86 23.19 -34.11
CA SER B 35 51.69 24.07 -33.97
C SER B 35 51.47 25.00 -35.17
N HIS B 36 52.53 25.31 -35.91
CA HIS B 36 52.41 26.17 -37.08
C HIS B 36 52.16 25.33 -38.32
N SER B 37 52.87 24.21 -38.41
CA SER B 37 52.73 23.30 -39.54
C SER B 37 51.51 22.41 -39.36
N ASP B 38 50.97 22.36 -38.14
CA ASP B 38 49.80 21.51 -37.88
C ASP B 38 48.55 21.97 -38.63
N LEU B 39 47.58 21.07 -38.71
CA LEU B 39 46.28 21.39 -39.31
C LEU B 39 45.56 22.46 -38.50
N ASP B 40 45.10 22.07 -37.31
CA ASP B 40 44.45 22.96 -36.34
C ASP B 40 42.93 23.05 -36.54
N SER B 41 42.36 22.11 -37.28
CA SER B 41 40.91 21.96 -37.32
C SER B 41 40.43 20.96 -36.26
N ASP B 42 39.97 21.50 -35.14
CA ASP B 42 39.59 20.73 -33.96
C ASP B 42 39.00 19.33 -34.17
N SER B 43 37.98 19.21 -35.04
CA SER B 43 37.12 18.02 -35.05
C SER B 43 37.70 16.69 -35.53
N GLU B 44 38.88 16.70 -36.13
CA GLU B 44 39.49 15.42 -36.53
C GLU B 44 41.02 15.43 -36.75
N LEU B 45 41.55 16.55 -37.22
CA LEU B 45 43.00 16.68 -37.36
C LEU B 45 43.64 16.77 -35.97
N ASP B 46 42.89 17.22 -34.98
CA ASP B 46 43.38 17.23 -33.61
C ASP B 46 43.17 15.87 -32.96
N ARG B 47 42.32 15.08 -33.60
CA ARG B 47 42.17 13.68 -33.24
C ARG B 47 42.94 12.84 -34.26
N ALA B 48 43.94 13.48 -34.88
CA ALA B 48 44.91 12.78 -35.72
C ALA B 48 46.27 12.84 -35.03
N VAL B 49 46.38 13.72 -34.04
CA VAL B 49 47.55 13.78 -33.17
C VAL B 49 47.18 13.20 -31.82
N THR B 50 45.89 12.90 -31.64
CA THR B 50 45.45 12.10 -30.51
C THR B 50 45.74 10.65 -30.86
N GLN B 51 45.49 10.30 -32.12
CA GLN B 51 45.74 8.95 -32.61
C GLN B 51 47.22 8.68 -32.76
N ILE B 52 48.04 9.68 -32.41
CA ILE B 52 49.49 9.53 -32.42
C ILE B 52 50.03 9.39 -31.00
N SER B 53 49.52 10.22 -30.09
CA SER B 53 49.93 10.14 -28.70
C SER B 53 49.42 8.84 -28.10
N VAL B 54 48.38 8.28 -28.70
CA VAL B 54 47.82 7.02 -28.20
C VAL B 54 48.47 5.84 -28.89
N ASP B 55 49.13 6.09 -30.02
CA ASP B 55 49.85 5.04 -30.72
C ASP B 55 51.28 4.91 -30.18
N LEU B 56 51.71 5.90 -29.39
CA LEU B 56 53.01 5.83 -28.71
C LEU B 56 52.87 5.41 -27.25
N MET B 57 51.66 5.56 -26.70
CA MET B 57 51.38 5.04 -25.37
C MET B 57 51.12 3.54 -25.50
N ASP B 58 50.71 3.13 -26.69
CA ASP B 58 50.48 1.72 -26.97
C ASP B 58 51.80 1.02 -27.24
N ASP B 59 52.83 1.81 -27.55
CA ASP B 59 54.15 1.28 -27.88
C ASP B 59 55.15 1.39 -26.72
N TYR B 60 54.80 2.20 -25.73
CA TYR B 60 55.57 2.21 -24.48
C TYR B 60 55.00 1.17 -23.55
N PRO B 61 53.84 0.61 -23.93
CA PRO B 61 53.23 -0.49 -23.19
C PRO B 61 53.61 -1.81 -23.85
N ALA B 62 53.90 -1.77 -25.13
CA ALA B 62 54.41 -2.93 -25.85
C ALA B 62 55.92 -3.05 -25.63
N SER B 63 56.50 -2.00 -25.05
CA SER B 63 57.91 -1.93 -24.69
C SER B 63 58.87 -2.48 -25.76
N ILE B 84 64.04 -11.23 -15.97
CA ILE B 84 63.71 -9.88 -15.54
C ILE B 84 62.46 -9.38 -16.25
N ILE B 85 61.32 -10.02 -15.97
CA ILE B 85 60.10 -9.67 -16.67
C ILE B 85 59.27 -8.66 -15.89
N LEU B 86 59.49 -8.59 -14.58
CA LEU B 86 58.77 -7.61 -13.75
C LEU B 86 59.57 -6.32 -13.64
N HIS B 87 60.85 -6.42 -13.30
CA HIS B 87 61.70 -5.24 -13.23
C HIS B 87 61.77 -4.58 -14.60
N GLN B 88 61.35 -5.33 -15.62
CA GLN B 88 61.31 -4.80 -16.97
C GLN B 88 59.94 -4.19 -17.29
N LEU B 89 58.92 -4.55 -16.52
CA LEU B 89 57.59 -3.95 -16.69
C LEU B 89 57.40 -2.81 -15.71
N GLU B 90 58.33 -2.67 -14.77
CA GLU B 90 58.33 -1.53 -13.86
C GLU B 90 59.02 -0.39 -14.58
N ASP B 91 60.11 -0.72 -15.27
CA ASP B 91 60.85 0.25 -16.06
C ASP B 91 59.95 0.83 -17.15
N LYS B 92 58.80 0.19 -17.36
CA LYS B 92 57.88 0.63 -18.42
C LYS B 92 56.68 1.39 -17.88
N MET B 93 56.51 1.41 -16.55
CA MET B 93 55.47 2.25 -15.97
C MET B 93 56.11 3.57 -15.56
N LYS B 94 57.44 3.57 -15.54
CA LYS B 94 58.20 4.79 -15.34
C LYS B 94 58.36 5.48 -16.68
N ALA B 95 58.59 4.67 -17.72
CA ALA B 95 58.75 5.21 -19.06
C ALA B 95 57.45 5.87 -19.52
N HIS B 96 56.32 5.25 -19.23
CA HIS B 96 55.03 5.82 -19.59
C HIS B 96 54.60 6.87 -18.58
N SER B 97 55.51 7.20 -17.67
CA SER B 97 55.27 8.24 -16.67
C SER B 97 56.09 9.49 -16.98
N PHE B 98 57.24 9.30 -17.60
CA PHE B 98 58.04 10.40 -18.12
C PHE B 98 57.63 10.67 -19.57
N LEU B 99 56.63 9.93 -20.03
CA LEU B 99 56.06 10.15 -21.36
C LEU B 99 54.77 10.94 -21.19
N MET B 100 54.20 10.87 -19.99
CA MET B 100 53.02 11.65 -19.66
C MET B 100 53.43 12.97 -19.03
N ASP B 101 54.72 13.07 -18.67
CA ASP B 101 55.26 14.32 -18.16
C ASP B 101 55.92 15.09 -19.31
N PHE B 102 56.35 14.36 -20.34
CA PHE B 102 56.97 14.96 -21.52
C PHE B 102 55.89 15.29 -22.54
N ILE B 103 54.64 15.13 -22.11
CA ILE B 103 53.49 15.58 -22.90
C ILE B 103 52.84 16.76 -22.20
N HIS B 104 52.86 16.76 -20.87
CA HIS B 104 52.28 17.86 -20.11
C HIS B 104 53.09 19.13 -20.34
N GLN B 105 54.41 18.98 -20.48
CA GLN B 105 55.29 20.14 -20.68
C GLN B 105 55.29 20.65 -22.11
N VAL B 106 55.74 19.82 -23.05
CA VAL B 106 55.71 20.20 -24.46
C VAL B 106 54.29 20.54 -24.91
N GLY B 107 53.29 19.92 -24.28
CA GLY B 107 51.86 20.20 -24.50
C GLY B 107 51.44 20.26 -25.97
N LEU B 108 50.58 19.35 -26.43
CA LEU B 108 49.94 18.28 -25.64
C LEU B 108 48.92 18.73 -24.57
N PHE B 109 47.98 19.60 -24.96
CA PHE B 109 46.94 20.06 -24.04
C PHE B 109 45.57 20.03 -24.73
N GLY B 110 45.32 18.98 -25.51
CA GLY B 110 44.11 18.91 -26.32
C GLY B 110 43.66 17.46 -26.61
N ARG B 111 43.49 17.17 -27.90
CA ARG B 111 43.14 15.85 -28.44
C ARG B 111 42.48 14.82 -27.52
N LEU B 112 41.42 14.18 -28.03
CA LEU B 112 40.73 13.11 -27.32
C LEU B 112 39.80 12.30 -28.24
N GLY B 113 40.25 11.10 -28.65
CA GLY B 113 39.48 10.22 -29.52
C GLY B 113 39.03 8.94 -28.80
N SER B 114 38.56 9.08 -27.57
CA SER B 114 38.07 7.92 -26.80
C SER B 114 36.83 7.29 -27.43
N PHE B 115 35.93 8.11 -27.94
CA PHE B 115 34.73 7.64 -28.65
C PHE B 115 34.21 6.33 -28.08
N PRO B 116 34.12 5.32 -28.94
CA PRO B 116 33.65 4.00 -28.54
C PRO B 116 34.71 2.91 -28.74
N VAL B 117 34.86 2.06 -27.74
CA VAL B 117 35.88 0.98 -27.70
C VAL B 117 37.34 1.46 -27.70
N ARG B 118 37.61 2.59 -28.35
CA ARG B 118 38.95 3.20 -28.38
C ARG B 118 38.86 4.70 -28.66
N LEU B 126 42.41 11.26 -23.68
CA LEU B 126 43.12 11.45 -22.42
C LEU B 126 42.84 10.34 -21.39
N LEU B 127 41.60 9.88 -21.33
CA LEU B 127 41.22 8.77 -20.47
C LEU B 127 41.95 7.52 -20.90
N LEU B 128 42.47 7.54 -22.13
CA LEU B 128 43.14 6.39 -22.72
C LEU B 128 44.57 6.24 -22.20
N CYS B 129 45.13 7.32 -21.68
CA CYS B 129 46.43 7.24 -21.03
C CYS B 129 46.24 6.59 -19.66
N GLU B 130 45.37 7.18 -18.85
CA GLU B 130 45.04 6.63 -17.55
C GLU B 130 44.68 5.15 -17.66
N HIS B 131 43.87 4.79 -18.64
CA HIS B 131 43.45 3.41 -18.79
C HIS B 131 44.65 2.50 -19.08
N ALA B 132 45.58 2.97 -19.91
CA ALA B 132 46.76 2.17 -20.21
C ALA B 132 47.75 2.22 -19.06
N GLU B 133 47.57 3.18 -18.17
CA GLU B 133 48.34 3.18 -16.94
C GLU B 133 47.76 2.08 -16.07
N LYS B 134 46.46 2.18 -15.79
CA LYS B 134 45.80 1.25 -14.90
C LYS B 134 46.08 -0.21 -15.27
N LEU B 135 46.16 -0.50 -16.56
CA LEU B 135 46.41 -1.87 -17.01
C LEU B 135 47.89 -2.26 -17.06
N SER B 136 48.76 -1.31 -16.73
CA SER B 136 50.17 -1.64 -16.57
C SER B 136 50.47 -1.86 -15.09
N ALA B 137 49.56 -1.42 -14.23
CA ALA B 137 49.67 -1.71 -12.81
C ALA B 137 48.95 -3.02 -12.54
N ALA B 138 48.10 -3.41 -13.47
CA ALA B 138 47.45 -4.71 -13.44
C ALA B 138 48.45 -5.75 -13.92
N ILE B 139 49.26 -5.38 -14.91
CA ILE B 139 50.26 -6.28 -15.43
C ILE B 139 51.37 -6.54 -14.40
N VAL B 140 51.59 -5.60 -13.49
CA VAL B 140 52.60 -5.78 -12.46
C VAL B 140 52.00 -6.41 -11.20
N LEU B 141 50.67 -6.42 -11.12
CA LEU B 141 50.00 -7.01 -9.97
C LEU B 141 49.80 -8.51 -10.14
N LYS B 142 49.82 -8.98 -11.38
CA LYS B 142 49.77 -10.42 -11.64
C LYS B 142 51.15 -10.94 -12.07
N ASN B 143 52.12 -10.04 -12.13
CA ASN B 143 53.50 -10.46 -12.28
C ASN B 143 54.05 -10.74 -10.89
N HIS B 144 53.59 -9.96 -9.91
CA HIS B 144 53.98 -10.15 -8.51
C HIS B 144 53.39 -11.45 -8.00
N HIS B 145 52.25 -11.84 -8.56
CA HIS B 145 51.69 -13.17 -8.30
C HIS B 145 51.97 -14.12 -9.47
N SER B 146 52.89 -15.05 -9.24
CA SER B 146 53.22 -16.06 -10.23
C SER B 146 53.29 -17.43 -9.57
N ARG B 147 52.25 -18.23 -9.78
CA ARG B 147 52.21 -19.60 -9.30
C ARG B 147 51.72 -20.52 -10.43
N LEU B 148 51.82 -21.84 -10.22
CA LEU B 148 51.57 -22.80 -11.28
C LEU B 148 50.12 -22.87 -11.80
N SER B 149 49.18 -22.31 -11.06
CA SER B 149 47.77 -22.40 -11.45
C SER B 149 47.34 -21.23 -12.35
N ASP B 150 47.95 -20.07 -12.13
CA ASP B 150 47.66 -18.89 -12.93
C ASP B 150 48.49 -18.90 -14.20
N LEU B 151 49.72 -19.40 -14.09
CA LEU B 151 50.60 -19.51 -15.25
C LEU B 151 50.05 -20.53 -16.24
N VAL B 152 49.20 -21.42 -15.76
CA VAL B 152 48.59 -22.45 -16.61
C VAL B 152 47.34 -21.89 -17.27
N ASN B 153 46.60 -21.07 -16.52
CA ASN B 153 45.41 -20.43 -17.04
C ASN B 153 45.77 -19.31 -18.00
N THR B 154 47.03 -18.87 -17.93
CA THR B 154 47.52 -17.82 -18.83
C THR B 154 48.02 -18.43 -20.14
N ALA B 155 48.65 -19.59 -20.04
CA ALA B 155 49.14 -20.29 -21.22
C ALA B 155 47.98 -20.86 -22.03
N ILE B 156 46.85 -21.10 -21.35
CA ILE B 156 45.65 -21.56 -22.05
C ILE B 156 44.97 -20.36 -22.68
N LEU B 157 45.19 -19.19 -22.09
CA LEU B 157 44.56 -17.96 -22.54
C LEU B 157 45.30 -17.33 -23.70
N ILE B 158 46.57 -17.67 -23.87
CA ILE B 158 47.37 -17.12 -24.95
C ILE B 158 47.44 -18.06 -26.15
N ALA B 159 47.34 -19.36 -25.90
CA ALA B 159 47.31 -20.34 -26.99
C ALA B 159 45.97 -20.29 -27.70
N LEU B 160 44.97 -19.71 -27.04
CA LEU B 160 43.64 -19.58 -27.61
C LEU B 160 43.53 -18.34 -28.50
N ASN B 161 44.28 -17.30 -28.16
CA ASN B 161 44.27 -16.08 -28.98
C ASN B 161 45.13 -16.25 -30.23
N LYS B 162 46.20 -17.04 -30.12
CA LYS B 162 47.06 -17.36 -31.26
C LYS B 162 48.16 -18.32 -30.82
N ARG B 163 49.01 -18.74 -31.77
CA ARG B 163 50.11 -19.63 -31.45
C ARG B 163 51.30 -18.85 -30.90
N GLU B 164 52.19 -19.56 -30.20
CA GLU B 164 53.37 -18.93 -29.62
C GLU B 164 54.62 -19.45 -30.30
N TYR B 165 55.60 -18.57 -30.48
CA TYR B 165 56.90 -18.98 -31.00
C TYR B 165 57.56 -19.93 -29.99
N GLU B 166 58.04 -21.08 -30.47
CA GLU B 166 58.66 -22.08 -29.60
C GLU B 166 60.18 -22.04 -29.67
N ILE B 167 60.73 -20.84 -29.87
CA ILE B 167 62.17 -20.62 -29.75
C ILE B 167 62.45 -20.21 -28.31
N PRO B 168 62.25 -21.15 -27.39
CA PRO B 168 62.21 -20.86 -25.96
C PRO B 168 61.15 -19.78 -25.70
N SER B 169 61.60 -18.59 -25.32
CA SER B 169 60.72 -17.43 -25.15
C SER B 169 59.28 -17.79 -24.82
N ASN B 170 59.10 -18.41 -23.65
CA ASN B 170 57.77 -18.80 -23.22
C ASN B 170 57.46 -18.30 -21.83
N LEU B 171 56.91 -17.09 -21.76
CA LEU B 171 56.27 -16.59 -20.55
C LEU B 171 54.80 -17.06 -20.38
N THR B 172 54.13 -17.50 -21.44
CA THR B 172 54.67 -17.62 -22.80
C THR B 172 54.83 -16.26 -23.48
N PRO B 173 54.26 -15.23 -22.87
CA PRO B 173 54.59 -13.83 -23.20
C PRO B 173 53.70 -12.85 -22.44
N ALA B 174 54.15 -11.61 -22.37
CA ALA B 174 53.46 -10.61 -21.57
C ALA B 174 53.33 -9.22 -22.22
N ASP B 175 54.41 -8.72 -22.82
CA ASP B 175 54.41 -7.38 -23.41
C ASP B 175 53.21 -7.07 -24.33
N VAL B 176 52.55 -8.12 -24.83
CA VAL B 176 51.36 -7.93 -25.63
C VAL B 176 50.12 -8.40 -24.89
N PHE B 177 50.33 -9.17 -23.83
CA PHE B 177 49.24 -9.56 -22.94
C PHE B 177 49.05 -8.46 -21.88
N PHE B 178 49.71 -7.32 -22.09
CA PHE B 178 49.56 -6.16 -21.22
C PHE B 178 48.69 -5.12 -21.92
N ARG B 179 49.15 -4.67 -23.07
CA ARG B 179 48.32 -3.84 -23.93
C ARG B 179 46.94 -4.49 -24.01
N GLU B 180 46.90 -5.80 -23.83
CA GLU B 180 45.63 -6.52 -23.72
C GLU B 180 45.69 -7.61 -22.65
N VAL B 181 45.58 -7.21 -21.39
CA VAL B 181 45.48 -8.17 -20.30
C VAL B 181 44.02 -8.41 -19.92
N SER B 182 43.18 -7.44 -20.24
CA SER B 182 41.74 -7.56 -20.06
C SER B 182 41.24 -8.96 -20.47
N GLN B 183 41.97 -9.58 -21.40
CA GLN B 183 41.58 -10.86 -21.96
C GLN B 183 42.04 -12.05 -21.10
N VAL B 184 43.12 -11.86 -20.34
CA VAL B 184 43.63 -12.94 -19.49
C VAL B 184 42.89 -12.97 -18.15
N ASP B 185 41.77 -12.27 -18.11
CA ASP B 185 40.88 -12.29 -16.96
C ASP B 185 39.63 -13.07 -17.30
N THR B 186 39.17 -12.93 -18.55
CA THR B 186 37.98 -13.63 -19.01
C THR B 186 38.32 -15.05 -19.42
N ILE B 187 39.60 -15.38 -19.34
CA ILE B 187 40.08 -16.71 -19.72
C ILE B 187 40.65 -17.46 -18.52
N CYS B 188 41.18 -16.72 -17.55
CA CYS B 188 41.59 -17.33 -16.30
C CYS B 188 40.35 -17.45 -15.42
N GLU B 189 39.20 -17.31 -16.08
CA GLU B 189 37.91 -17.57 -15.46
C GLU B 189 37.32 -18.82 -16.10
N CYS B 190 37.57 -18.98 -17.39
CA CYS B 190 37.14 -20.18 -18.12
C CYS B 190 38.06 -21.34 -17.79
N LEU B 191 39.14 -21.05 -17.07
CA LEU B 191 40.07 -22.08 -16.60
C LEU B 191 39.90 -22.31 -15.11
N LEU B 192 38.89 -21.67 -14.54
CA LEU B 192 38.46 -21.93 -13.18
C LEU B 192 37.09 -22.62 -13.24
N GLU B 193 36.52 -22.65 -14.45
CA GLU B 193 35.24 -23.33 -14.70
C GLU B 193 35.46 -24.73 -15.25
N HIS B 194 36.63 -24.95 -15.86
CA HIS B 194 37.00 -26.28 -16.30
C HIS B 194 37.84 -26.96 -15.22
N GLU B 195 38.34 -26.17 -14.28
CA GLU B 195 39.05 -26.68 -13.12
C GLU B 195 38.04 -26.81 -11.98
N GLU B 196 36.81 -26.41 -12.26
CA GLU B 196 35.70 -26.59 -11.34
C GLU B 196 34.77 -27.69 -11.83
N GLN B 197 34.89 -28.03 -13.11
CA GLN B 197 34.12 -29.14 -13.66
C GLN B 197 34.78 -30.44 -13.25
N VAL B 198 36.07 -30.36 -12.93
CA VAL B 198 36.83 -31.50 -12.42
C VAL B 198 37.03 -31.39 -10.91
N LEU B 199 36.62 -30.26 -10.34
CA LEU B 199 36.77 -29.99 -8.92
C LEU B 199 36.07 -31.06 -8.08
N ARG B 200 35.00 -31.62 -8.63
CA ARG B 200 34.20 -32.66 -7.97
C ARG B 200 33.58 -32.19 -6.65
N ASP B 201 33.12 -30.94 -6.62
CA ASP B 201 32.52 -30.35 -5.43
C ASP B 201 31.01 -30.50 -5.42
N SER B 206 37.43 -32.27 -2.77
CA SER B 206 36.34 -31.34 -3.04
C SER B 206 36.54 -30.05 -2.26
N ILE B 207 37.30 -30.12 -1.18
CA ILE B 207 37.59 -28.95 -0.36
C ILE B 207 38.79 -28.18 -0.92
N GLU B 208 39.77 -28.93 -1.43
CA GLU B 208 40.94 -28.32 -2.06
C GLU B 208 40.59 -27.73 -3.42
N TRP B 209 39.37 -28.03 -3.88
CA TRP B 209 38.90 -27.55 -5.17
C TRP B 209 38.08 -26.27 -5.00
N ALA B 210 37.67 -26.01 -3.76
CA ALA B 210 37.01 -24.77 -3.43
C ALA B 210 38.02 -23.79 -2.82
N GLU B 211 39.27 -24.23 -2.79
CA GLU B 211 40.37 -23.39 -2.31
C GLU B 211 41.15 -22.86 -3.51
N VAL B 212 40.93 -23.50 -4.65
CA VAL B 212 41.55 -23.08 -5.91
C VAL B 212 40.62 -22.12 -6.65
N VAL B 213 39.35 -22.13 -6.29
CA VAL B 213 38.38 -21.23 -6.92
C VAL B 213 38.32 -19.91 -6.14
N ILE B 214 39.02 -19.85 -5.02
CA ILE B 214 39.09 -18.64 -4.21
C ILE B 214 40.43 -17.95 -4.44
N ASN B 215 41.46 -18.74 -4.69
CA ASN B 215 42.77 -18.19 -4.98
C ASN B 215 42.74 -17.30 -6.22
N VAL B 216 41.88 -17.65 -7.18
CA VAL B 216 41.72 -16.83 -8.37
C VAL B 216 40.82 -15.63 -8.07
N ASN B 217 39.85 -15.83 -7.19
CA ASN B 217 38.98 -14.73 -6.80
C ASN B 217 39.82 -13.65 -6.15
N ASN B 218 40.84 -14.07 -5.40
CA ASN B 218 41.67 -13.12 -4.65
C ASN B 218 42.61 -12.32 -5.55
N ILE B 219 42.93 -12.85 -6.73
CA ILE B 219 43.85 -12.16 -7.63
C ILE B 219 43.12 -11.18 -8.56
N LEU B 220 42.02 -11.62 -9.15
CA LEU B 220 41.22 -10.73 -9.97
C LEU B 220 40.68 -9.60 -9.10
N LYS B 221 40.62 -9.85 -7.79
CA LYS B 221 40.14 -8.84 -6.87
C LYS B 221 41.20 -7.77 -6.64
N ASP B 222 42.39 -8.18 -6.20
CA ASP B 222 43.45 -7.23 -5.91
C ASP B 222 44.17 -6.75 -7.17
N MET B 223 43.69 -7.19 -8.33
CA MET B 223 44.11 -6.60 -9.58
C MET B 223 43.13 -5.48 -9.93
N LEU B 224 41.95 -5.54 -9.32
CA LEU B 224 40.98 -4.47 -9.45
C LEU B 224 41.15 -3.48 -8.29
N GLN B 225 41.91 -3.88 -7.27
CA GLN B 225 42.27 -2.97 -6.19
C GLN B 225 43.45 -2.12 -6.62
N ALA B 226 44.20 -2.61 -7.60
CA ALA B 226 45.40 -1.92 -8.06
C ALA B 226 45.09 -0.87 -9.11
N ALA B 227 43.96 -1.04 -9.80
CA ALA B 227 43.52 -0.05 -10.79
C ALA B 227 42.72 1.06 -10.13
N SER B 228 42.21 0.78 -8.93
CA SER B 228 41.47 1.78 -8.19
C SER B 228 42.41 2.79 -7.55
N HIS B 229 43.52 2.29 -6.98
CA HIS B 229 44.48 3.15 -6.30
C HIS B 229 45.47 3.79 -7.28
N TYR B 230 45.36 3.43 -8.56
CA TYR B 230 46.14 4.08 -9.61
C TYR B 230 45.32 5.23 -10.21
N ARG B 231 44.04 5.28 -9.83
CA ARG B 231 43.14 6.36 -10.23
C ARG B 231 42.99 7.35 -9.08
N GLN B 232 43.56 6.98 -7.93
CA GLN B 232 43.61 7.86 -6.77
C GLN B 232 44.90 8.68 -6.84
N ASN B 233 45.94 8.08 -7.41
CA ASN B 233 47.19 8.78 -7.65
C ASN B 233 47.14 9.67 -8.90
N ARG B 234 45.92 9.84 -9.45
CA ARG B 234 45.72 10.65 -10.66
C ARG B 234 46.14 12.10 -10.46
N ARG B 263 31.91 -4.87 -21.30
CA ARG B 263 30.82 -5.83 -21.47
C ARG B 263 31.34 -7.26 -21.55
N THR B 264 32.65 -7.41 -21.38
CA THR B 264 33.26 -8.72 -21.19
C THR B 264 33.97 -8.70 -19.85
N VAL B 265 34.58 -7.56 -19.55
CA VAL B 265 35.16 -7.30 -18.24
C VAL B 265 34.11 -7.46 -17.16
N ILE B 266 32.91 -6.93 -17.41
CA ILE B 266 31.81 -6.94 -16.46
C ILE B 266 31.11 -8.31 -16.38
N ILE B 267 30.98 -8.96 -17.53
CA ILE B 267 30.32 -10.25 -17.57
C ILE B 267 31.11 -11.28 -16.75
N ARG B 268 32.44 -11.20 -16.82
CA ARG B 268 33.30 -12.13 -16.10
C ARG B 268 33.27 -11.88 -14.60
N GLN B 269 32.69 -10.76 -14.20
CA GLN B 269 32.54 -10.45 -12.78
C GLN B 269 31.18 -10.89 -12.26
N HIS B 270 30.16 -10.78 -13.09
CA HIS B 270 28.82 -11.26 -12.71
C HIS B 270 28.77 -12.77 -12.86
N GLU B 271 29.81 -13.34 -13.47
CA GLU B 271 29.91 -14.78 -13.63
C GLU B 271 30.54 -15.41 -12.41
N ILE B 272 31.45 -14.68 -11.76
CA ILE B 272 32.10 -15.21 -10.57
C ILE B 272 31.38 -14.78 -9.29
N VAL B 273 30.38 -13.91 -9.40
CA VAL B 273 29.50 -13.67 -8.27
C VAL B 273 28.66 -14.93 -8.11
N LEU B 274 28.08 -15.38 -9.22
CA LEU B 274 27.21 -16.54 -9.23
C LEU B 274 27.92 -17.85 -8.92
N LYS B 275 29.22 -17.92 -9.21
CA LYS B 275 29.99 -19.10 -8.87
C LYS B 275 30.56 -18.99 -7.46
N VAL B 276 30.54 -17.77 -6.93
CA VAL B 276 30.91 -17.59 -5.52
C VAL B 276 29.65 -17.73 -4.69
N ALA B 277 28.51 -17.91 -5.37
CA ALA B 277 27.24 -18.12 -4.70
C ALA B 277 26.90 -19.60 -4.64
N TYR B 278 27.36 -20.36 -5.63
CA TYR B 278 27.10 -21.79 -5.69
C TYR B 278 27.98 -22.54 -4.70
N PRO B 279 29.14 -21.96 -4.38
CA PRO B 279 30.10 -22.65 -3.52
C PRO B 279 29.84 -22.49 -2.02
N GLN B 280 29.39 -21.32 -1.61
CA GLN B 280 29.11 -21.09 -0.19
C GLN B 280 27.92 -21.94 0.25
N ALA B 281 27.32 -22.63 -0.71
CA ALA B 281 26.25 -23.58 -0.44
C ALA B 281 26.86 -24.84 0.18
N ASP B 282 28.14 -25.05 -0.09
CA ASP B 282 28.89 -26.14 0.52
C ASP B 282 30.30 -25.66 0.84
N SER B 283 30.50 -25.23 2.09
CA SER B 283 31.74 -24.60 2.50
C SER B 283 31.84 -24.45 4.01
N ASN B 284 33.01 -24.76 4.57
CA ASN B 284 33.26 -24.52 5.98
C ASN B 284 32.98 -23.04 6.27
N LEU B 285 32.34 -22.77 7.41
CA LEU B 285 31.85 -21.44 7.73
C LEU B 285 32.80 -20.30 7.35
N ARG B 286 33.96 -20.24 8.00
CA ARG B 286 34.89 -19.12 7.81
C ARG B 286 35.26 -18.86 6.34
N ASN B 287 35.41 -19.92 5.56
CA ASN B 287 35.79 -19.77 4.16
C ASN B 287 34.67 -19.08 3.39
N ILE B 288 33.43 -19.49 3.64
CA ILE B 288 32.29 -18.93 2.94
C ILE B 288 32.12 -17.43 3.23
N VAL B 289 32.85 -16.92 4.20
CA VAL B 289 32.77 -15.51 4.55
C VAL B 289 33.85 -14.70 3.83
N THR B 290 35.04 -15.30 3.70
CA THR B 290 36.16 -14.60 3.08
C THR B 290 35.98 -14.46 1.57
N GLU B 291 35.22 -15.38 0.98
CA GLU B 291 34.87 -15.26 -0.43
C GLU B 291 33.63 -14.40 -0.56
N GLN B 292 33.03 -14.04 0.58
CA GLN B 292 31.88 -13.15 0.59
C GLN B 292 32.34 -11.71 0.83
N LEU B 293 33.40 -11.55 1.62
CA LEU B 293 34.00 -10.23 1.79
C LEU B 293 34.76 -9.89 0.52
N VAL B 294 35.07 -10.93 -0.26
CA VAL B 294 35.72 -10.73 -1.54
C VAL B 294 34.74 -10.32 -2.64
N ALA B 295 33.66 -11.08 -2.81
CA ALA B 295 32.67 -10.73 -3.84
C ALA B 295 31.93 -9.46 -3.46
N LEU B 296 32.21 -8.95 -2.26
CA LEU B 296 31.70 -7.65 -1.83
C LEU B 296 32.76 -6.61 -2.13
N ILE B 297 34.02 -7.03 -2.13
CA ILE B 297 35.11 -6.16 -2.49
C ILE B 297 35.08 -5.88 -3.98
N ASP B 298 34.62 -6.88 -4.74
CA ASP B 298 34.60 -6.75 -6.19
C ASP B 298 33.34 -6.06 -6.72
N CYS B 299 32.19 -6.40 -6.14
CA CYS B 299 30.94 -5.75 -6.56
C CYS B 299 30.97 -4.26 -6.26
N PHE B 300 31.82 -3.85 -5.31
CA PHE B 300 31.89 -2.46 -4.90
C PHE B 300 32.83 -1.65 -5.78
N LEU B 301 33.43 -2.32 -6.75
CA LEU B 301 34.30 -1.65 -7.72
C LEU B 301 33.56 -1.52 -9.04
N ASP B 302 32.61 -2.42 -9.27
CA ASP B 302 31.76 -2.32 -10.46
C ASP B 302 30.75 -1.18 -10.26
N GLY B 303 30.07 -1.19 -9.11
CA GLY B 303 29.09 -0.16 -8.84
C GLY B 303 29.74 1.21 -8.73
N TYR B 304 31.05 1.25 -8.52
CA TYR B 304 31.75 2.54 -8.40
C TYR B 304 32.12 3.09 -9.77
N VAL B 305 32.17 2.20 -10.76
CA VAL B 305 32.57 2.58 -12.11
C VAL B 305 31.36 2.92 -12.98
N SER B 306 30.20 2.45 -12.56
CA SER B 306 28.96 2.83 -13.22
C SER B 306 28.45 4.14 -12.62
N GLN B 307 28.91 4.45 -11.42
CA GLN B 307 28.57 5.71 -10.77
C GLN B 307 29.43 6.82 -11.36
N LEU B 308 30.68 6.49 -11.67
CA LEU B 308 31.63 7.46 -12.21
C LEU B 308 31.37 7.78 -13.69
N LYS B 309 30.75 6.84 -14.40
CA LYS B 309 30.38 7.05 -15.79
C LYS B 309 29.05 7.81 -15.87
N SER B 310 28.17 7.58 -14.91
CA SER B 310 26.96 8.37 -14.83
C SER B 310 27.38 9.83 -14.67
N VAL B 311 28.11 10.14 -13.61
CA VAL B 311 28.53 11.50 -13.31
C VAL B 311 29.30 12.13 -14.47
N ASP B 312 29.80 11.28 -15.37
CA ASP B 312 30.55 11.77 -16.53
C ASP B 312 29.60 12.31 -17.59
N LYS B 313 28.44 11.67 -17.71
CA LYS B 313 27.45 12.07 -18.71
C LYS B 313 26.23 12.70 -18.04
N SER B 314 25.70 13.75 -18.66
CA SER B 314 24.54 14.44 -18.12
C SER B 314 23.82 15.24 -19.20
N SER B 315 22.63 15.74 -18.85
CA SER B 315 21.81 16.61 -19.71
C SER B 315 21.33 15.95 -21.01
N ASN B 316 21.29 16.74 -22.08
CA ASN B 316 20.81 16.27 -23.38
C ASN B 316 21.23 14.83 -23.69
N ARG B 317 20.46 14.15 -24.53
CA ARG B 317 20.58 12.71 -24.72
C ARG B 317 20.32 11.99 -23.39
N GLU B 318 19.49 12.60 -22.56
CA GLU B 318 19.18 12.09 -21.22
C GLU B 318 18.50 10.74 -21.28
N ARG B 319 17.69 10.52 -22.32
CA ARG B 319 16.98 9.25 -22.47
C ARG B 319 17.94 8.07 -22.35
N TYR B 320 19.17 8.26 -22.84
CA TYR B 320 20.17 7.20 -22.75
C TYR B 320 20.80 7.18 -21.36
N ASP B 321 20.63 8.27 -20.61
CA ASP B 321 21.24 8.39 -19.29
C ASP B 321 20.28 8.00 -18.18
N ASN B 322 19.02 7.81 -18.54
CA ASN B 322 18.01 7.33 -17.60
C ASN B 322 17.62 5.90 -17.93
N LEU B 323 18.22 5.37 -19.00
CA LEU B 323 18.09 3.96 -19.35
C LEU B 323 19.28 3.18 -18.83
N GLU B 324 20.39 3.86 -18.62
CA GLU B 324 21.56 3.22 -18.03
C GLU B 324 21.45 3.27 -16.51
N MET B 325 20.53 4.08 -16.00
CA MET B 325 20.29 4.12 -14.57
C MET B 325 19.48 2.90 -14.17
N GLU B 326 18.45 2.61 -14.96
CA GLU B 326 17.60 1.46 -14.71
C GLU B 326 18.40 0.16 -14.83
N TYR B 327 19.50 0.21 -15.56
CA TYR B 327 20.33 -0.98 -15.77
C TYR B 327 21.28 -1.22 -14.60
N LEU B 328 21.76 -0.15 -13.97
CA LEU B 328 22.61 -0.32 -12.81
C LEU B 328 21.74 -0.52 -11.58
N GLN B 329 20.48 -0.11 -11.70
CA GLN B 329 19.56 -0.20 -10.58
C GLN B 329 18.86 -1.55 -10.54
N LYS B 330 18.93 -2.30 -11.64
CA LYS B 330 18.40 -3.66 -11.67
C LYS B 330 19.51 -4.64 -11.33
N ARG B 331 20.69 -4.11 -11.02
CA ARG B 331 21.84 -4.93 -10.70
C ARG B 331 22.28 -4.74 -9.25
N SER B 332 22.10 -3.55 -8.71
CA SER B 332 22.30 -3.34 -7.28
C SER B 332 21.12 -3.96 -6.55
N ASP B 333 20.15 -4.41 -7.35
CA ASP B 333 19.02 -5.17 -6.84
C ASP B 333 19.30 -6.65 -7.00
N LEU B 334 20.10 -6.99 -8.01
CA LEU B 334 20.50 -8.37 -8.25
C LEU B 334 21.77 -8.74 -7.47
N LEU B 335 22.41 -7.73 -6.89
CA LEU B 335 23.55 -7.94 -6.01
C LEU B 335 23.08 -7.89 -4.56
N SER B 336 21.91 -7.28 -4.36
CA SER B 336 21.30 -7.19 -3.04
C SER B 336 20.59 -8.49 -2.69
N PRO B 337 19.70 -8.93 -3.58
CA PRO B 337 19.02 -10.20 -3.40
C PRO B 337 20.06 -11.29 -3.13
N LEU B 338 21.11 -11.28 -3.95
CA LEU B 338 22.20 -12.24 -3.76
C LEU B 338 22.75 -12.14 -2.34
N LEU B 339 22.79 -10.93 -1.80
CA LEU B 339 23.30 -10.76 -0.45
C LEU B 339 22.18 -10.83 0.59
N SER B 340 21.00 -11.28 0.17
CA SER B 340 19.88 -11.41 1.09
C SER B 340 20.01 -12.69 1.92
N LEU B 341 20.62 -13.70 1.32
CA LEU B 341 20.97 -14.92 2.04
C LEU B 341 22.24 -14.69 2.85
N GLY B 342 23.17 -13.94 2.27
CA GLY B 342 24.46 -13.71 2.91
C GLY B 342 24.32 -12.88 4.17
N GLN B 343 25.46 -12.52 4.73
CA GLN B 343 25.52 -11.71 5.95
C GLN B 343 25.10 -10.28 5.67
N TYR B 344 24.28 -9.74 6.56
CA TYR B 344 23.83 -8.35 6.43
C TYR B 344 24.83 -7.39 7.07
N LEU B 345 25.88 -7.94 7.69
CA LEU B 345 26.92 -7.10 8.27
C LEU B 345 27.64 -6.40 7.15
N TRP B 346 27.53 -6.95 5.95
CA TRP B 346 28.15 -6.37 4.76
C TRP B 346 27.18 -5.46 4.01
N ALA B 347 25.89 -5.66 4.27
CA ALA B 347 24.85 -4.83 3.68
C ALA B 347 25.10 -3.36 3.97
N ALA B 348 25.54 -3.07 5.20
CA ALA B 348 25.77 -1.69 5.60
C ALA B 348 26.84 -1.04 4.72
N SER B 349 27.78 -1.86 4.25
CA SER B 349 28.87 -1.38 3.41
C SER B 349 28.54 -1.43 1.92
N LEU B 350 27.63 -2.33 1.54
CA LEU B 350 27.14 -2.37 0.18
C LEU B 350 26.14 -1.22 -0.03
N ALA B 351 25.37 -0.93 1.01
CA ALA B 351 24.41 0.16 0.96
C ALA B 351 25.13 1.52 0.92
N GLU B 352 26.33 1.56 1.48
CA GLU B 352 27.11 2.80 1.52
C GLU B 352 27.99 2.92 0.28
N LYS B 353 28.35 1.79 -0.31
CA LYS B 353 29.24 1.79 -1.48
C LYS B 353 28.55 2.39 -2.71
N TYR B 354 27.44 1.78 -3.11
CA TYR B 354 26.48 2.49 -3.97
C TYR B 354 25.58 3.33 -3.06
N CYS B 355 26.19 4.22 -2.31
CA CYS B 355 25.52 5.03 -1.26
C CYS B 355 24.08 5.55 -1.46
N ASP B 356 23.20 4.66 -1.88
CA ASP B 356 21.76 4.86 -1.73
C ASP B 356 21.15 3.47 -1.68
N PHE B 357 21.09 2.81 -2.84
CA PHE B 357 20.50 1.47 -2.94
C PHE B 357 19.75 1.09 -1.68
N ASP B 358 18.82 1.96 -1.32
CA ASP B 358 18.20 1.95 0.00
C ASP B 358 17.19 0.81 0.12
N ILE B 359 16.51 0.50 -0.98
CA ILE B 359 15.50 -0.56 -1.01
C ILE B 359 16.02 -1.88 -0.45
N LEU B 360 17.33 -2.09 -0.50
CA LEU B 360 17.92 -3.35 -0.01
C LEU B 360 18.26 -3.26 1.47
N VAL B 361 18.88 -2.16 1.88
CA VAL B 361 19.23 -1.94 3.29
C VAL B 361 18.00 -1.57 4.11
N GLN B 362 16.92 -1.25 3.42
CA GLN B 362 15.67 -0.92 4.07
C GLN B 362 14.83 -2.17 4.32
N MET B 363 15.11 -3.24 3.59
CA MET B 363 14.39 -4.49 3.77
C MET B 363 15.20 -5.46 4.61
N CYS B 364 16.45 -5.09 4.88
CA CYS B 364 17.28 -5.85 5.80
C CYS B 364 16.97 -5.36 7.20
N GLU B 365 16.63 -4.08 7.30
CA GLU B 365 16.26 -3.51 8.59
C GLU B 365 14.84 -3.93 8.97
N GLN B 366 14.10 -4.41 7.99
CA GLN B 366 12.71 -4.82 8.20
C GLN B 366 12.63 -6.28 8.61
N THR B 367 13.55 -7.10 8.09
CA THR B 367 13.55 -8.53 8.37
C THR B 367 14.02 -8.84 9.78
N ASP B 368 14.78 -7.91 10.35
CA ASP B 368 15.29 -8.03 11.72
C ASP B 368 14.55 -7.06 12.65
N ASN B 369 14.93 -7.08 13.93
CA ASN B 369 14.26 -6.26 14.93
C ASN B 369 14.98 -4.93 15.12
N GLN B 370 15.82 -4.59 14.15
CA GLN B 370 16.61 -3.36 14.22
C GLN B 370 15.81 -2.15 13.77
N SER B 371 14.77 -1.81 14.52
CA SER B 371 14.12 -0.52 14.36
C SER B 371 15.11 0.54 14.79
N ARG B 372 16.29 0.08 15.21
CA ARG B 372 17.38 0.96 15.59
C ARG B 372 18.24 1.28 14.37
N LEU B 373 18.26 0.34 13.42
CA LEU B 373 19.01 0.52 12.18
C LEU B 373 18.26 1.42 11.20
N GLN B 374 16.94 1.27 11.15
CA GLN B 374 16.13 2.10 10.25
C GLN B 374 15.93 3.48 10.86
N ARG B 375 16.37 3.65 12.10
CA ARG B 375 16.41 4.97 12.73
C ARG B 375 17.81 5.56 12.56
N TYR B 376 18.80 4.68 12.44
CA TYR B 376 20.17 5.11 12.18
C TYR B 376 20.36 5.41 10.70
N MET B 377 19.50 4.82 9.87
CA MET B 377 19.53 5.07 8.43
C MET B 377 18.95 6.45 8.15
N THR B 378 17.79 6.72 8.75
CA THR B 378 17.11 8.00 8.53
C THR B 378 17.80 9.14 9.29
N GLN B 379 18.62 8.80 10.27
CA GLN B 379 19.36 9.80 11.01
C GLN B 379 20.44 10.44 10.12
N PHE B 380 21.09 9.60 9.29
CA PHE B 380 22.07 10.07 8.32
C PHE B 380 21.57 9.83 6.90
N ALA B 381 20.72 10.73 6.43
CA ALA B 381 20.12 10.58 5.11
C ALA B 381 19.57 11.88 4.55
N ASP B 382 19.44 11.92 3.23
CA ASP B 382 18.82 13.02 2.53
C ASP B 382 17.48 12.55 1.96
N GLN B 383 16.40 12.89 2.66
CA GLN B 383 15.05 12.50 2.29
C GLN B 383 14.79 10.99 2.27
N ASN B 384 15.32 10.26 3.25
CA ASN B 384 14.98 8.84 3.38
C ASN B 384 13.62 8.68 4.05
N PHE B 385 13.27 9.64 4.91
CA PHE B 385 11.99 9.60 5.60
C PHE B 385 10.84 9.58 4.61
N SER B 386 10.89 10.48 3.62
CA SER B 386 9.90 10.49 2.57
C SER B 386 10.06 9.23 1.70
N ASP B 387 11.12 8.48 1.93
CA ASP B 387 11.37 7.25 1.18
C ASP B 387 10.99 5.98 1.94
N PHE B 388 11.11 6.02 3.26
CA PHE B 388 10.82 4.85 4.09
C PHE B 388 9.32 4.72 4.35
N LEU B 389 8.59 5.81 4.17
CA LEU B 389 7.14 5.78 4.31
C LEU B 389 6.48 5.36 3.00
N PHE B 390 7.01 5.81 1.88
CA PHE B 390 6.48 5.41 0.58
C PHE B 390 6.99 4.01 0.23
N ARG B 391 7.96 3.53 1.01
CA ARG B 391 8.52 2.20 0.81
C ARG B 391 7.93 1.23 1.81
N TRP B 392 7.09 1.74 2.70
CA TRP B 392 6.37 0.89 3.62
C TRP B 392 4.98 0.64 3.04
N TYR B 393 4.43 1.66 2.39
CA TYR B 393 3.09 1.56 1.82
C TYR B 393 3.08 0.69 0.56
N LEU B 394 4.16 0.75 -0.23
CA LEU B 394 4.23 -0.04 -1.45
C LEU B 394 4.31 -1.53 -1.12
N GLU B 395 5.01 -1.85 -0.04
CA GLU B 395 5.16 -3.23 0.40
C GLU B 395 3.84 -3.82 0.86
N GLN B 409 2.83 -4.66 15.16
CA GLN B 409 3.80 -4.59 16.24
C GLN B 409 4.61 -3.30 16.14
N HIS B 410 5.94 -3.42 16.11
CA HIS B 410 6.79 -2.26 15.91
C HIS B 410 6.54 -1.72 14.52
N GLY B 411 5.92 -2.56 13.70
CA GLY B 411 5.48 -2.17 12.36
C GLY B 411 4.23 -1.33 12.46
N GLN B 412 3.59 -1.35 13.63
CA GLN B 412 2.44 -0.48 13.87
C GLN B 412 2.87 0.84 14.52
N LEU B 413 4.15 0.96 14.83
CA LEU B 413 4.71 2.22 15.33
C LEU B 413 5.20 2.99 14.12
N ALA B 414 5.63 2.23 13.13
CA ALA B 414 5.92 2.74 11.80
C ALA B 414 4.62 2.83 11.00
N ASN B 415 3.55 2.19 11.50
CA ASN B 415 2.25 2.37 10.89
C ASN B 415 1.66 3.64 11.47
N PHE B 416 2.07 3.96 12.68
CA PHE B 416 1.62 5.17 13.35
C PHE B 416 2.11 6.40 12.60
N LEU B 417 3.30 6.29 12.04
CA LEU B 417 3.89 7.38 11.26
C LEU B 417 3.45 7.29 9.80
N GLN B 418 3.22 6.07 9.31
CA GLN B 418 2.77 5.91 7.93
C GLN B 418 1.29 6.23 7.76
N ALA B 419 0.57 6.27 8.88
CA ALA B 419 -0.84 6.60 8.88
C ALA B 419 -0.98 8.10 8.71
N HIS B 420 0.17 8.76 8.57
CA HIS B 420 0.17 10.15 8.19
C HIS B 420 -0.15 10.31 6.69
N GLU B 421 -1.41 10.70 6.41
CA GLU B 421 -1.93 10.87 5.06
C GLU B 421 -3.16 9.99 4.84
N HIS B 422 -4.33 10.61 4.96
CA HIS B 422 -5.64 10.00 4.68
C HIS B 422 -5.98 8.84 5.61
N LEU B 423 -4.97 8.05 5.92
CA LEU B 423 -4.98 7.13 7.04
C LEU B 423 -4.85 7.99 8.31
N SER B 424 -4.89 9.31 8.12
CA SER B 424 -4.75 10.26 9.23
C SER B 424 -5.73 9.92 10.34
N TRP B 425 -7.01 10.10 10.04
CA TRP B 425 -8.09 9.88 10.99
C TRP B 425 -7.87 8.68 11.91
N LEU B 426 -7.23 7.63 11.40
CA LEU B 426 -6.97 6.44 12.19
C LEU B 426 -6.07 6.75 13.38
N HIS B 427 -4.83 7.15 13.11
CA HIS B 427 -3.91 7.55 14.18
C HIS B 427 -4.40 8.76 14.96
N GLU B 428 -5.48 9.38 14.48
CA GLU B 428 -6.06 10.52 15.17
C GLU B 428 -7.07 10.07 16.23
N ILE B 429 -7.84 9.05 15.90
CA ILE B 429 -8.73 8.42 16.88
C ILE B 429 -7.89 7.79 17.98
N ASN B 430 -6.76 7.24 17.57
CA ASN B 430 -5.82 6.57 18.46
C ASN B 430 -5.15 7.53 19.43
N SER B 431 -4.77 8.71 18.91
CA SER B 431 -4.11 9.72 19.72
C SER B 431 -5.12 10.48 20.56
N GLN B 432 -6.39 10.12 20.42
CA GLN B 432 -7.48 10.80 21.11
C GLN B 432 -7.65 12.21 20.58
N GLU B 433 -7.20 12.41 19.34
CA GLU B 433 -7.37 13.68 18.64
C GLU B 433 -8.64 13.63 17.81
N LEU B 434 -9.79 13.70 18.49
CA LEU B 434 -11.07 13.52 17.82
C LEU B 434 -11.43 14.67 16.89
N GLU B 435 -11.38 15.90 17.39
CA GLU B 435 -11.67 17.06 16.57
C GLU B 435 -10.91 17.00 15.27
N LYS B 436 -9.64 16.59 15.36
CA LYS B 436 -8.78 16.48 14.20
C LYS B 436 -9.30 15.40 13.26
N ALA B 437 -9.65 14.24 13.84
CA ALA B 437 -10.20 13.13 13.05
C ALA B 437 -11.43 13.57 12.28
N HIS B 438 -12.23 14.43 12.89
CA HIS B 438 -13.46 14.93 12.25
C HIS B 438 -13.17 15.78 11.01
N ALA B 439 -12.14 16.61 11.07
CA ALA B 439 -11.82 17.49 9.96
C ALA B 439 -11.38 16.72 8.72
N THR B 440 -10.50 15.74 8.91
CA THR B 440 -10.01 14.93 7.80
C THR B 440 -11.03 13.90 7.33
N LEU B 441 -11.90 13.46 8.23
CA LEU B 441 -12.95 12.50 7.86
C LEU B 441 -14.00 13.15 6.97
N LEU B 442 -14.23 14.44 7.20
CA LEU B 442 -15.14 15.21 6.36
C LEU B 442 -14.46 15.57 5.03
N GLY B 443 -13.17 15.84 5.10
CA GLY B 443 -12.39 16.16 3.91
C GLY B 443 -12.32 15.01 2.93
N LEU B 444 -12.18 13.80 3.47
CA LEU B 444 -12.14 12.60 2.64
C LEU B 444 -13.54 12.23 2.16
N ALA B 445 -14.55 12.69 2.88
CA ALA B 445 -15.93 12.48 2.46
C ALA B 445 -16.24 13.32 1.22
N ASN B 446 -15.64 14.50 1.15
CA ASN B 446 -15.91 15.45 0.07
C ASN B 446 -15.27 15.07 -1.27
N MET B 447 -13.98 14.78 -1.24
CA MET B 447 -13.27 14.34 -2.43
C MET B 447 -13.89 13.06 -2.96
N GLU B 448 -14.63 12.37 -2.08
CA GLU B 448 -15.17 11.07 -2.41
C GLU B 448 -16.16 11.11 -3.57
N THR B 449 -15.85 10.39 -4.63
CA THR B 449 -16.69 10.38 -5.83
C THR B 449 -16.82 8.98 -6.40
N ARG B 450 -15.88 8.11 -6.07
CA ARG B 450 -15.82 6.79 -6.66
C ARG B 450 -16.87 5.83 -6.09
N TYR B 451 -17.14 5.93 -4.80
CA TYR B 451 -18.08 5.03 -4.14
C TYR B 451 -19.08 5.72 -3.23
N PHE B 452 -20.38 5.58 -3.56
CA PHE B 452 -21.42 6.19 -2.74
C PHE B 452 -21.43 5.62 -1.33
N ALA B 453 -21.51 4.30 -1.24
CA ALA B 453 -21.55 3.62 0.05
C ALA B 453 -20.42 4.09 0.97
N LYS B 454 -19.32 4.54 0.38
CA LYS B 454 -18.14 4.97 1.12
C LYS B 454 -18.20 6.44 1.52
N LYS B 455 -18.75 7.27 0.64
CA LYS B 455 -18.97 8.67 0.97
C LYS B 455 -19.96 8.75 2.12
N LYS B 456 -20.89 7.81 2.16
CA LYS B 456 -21.87 7.76 3.24
C LYS B 456 -21.24 7.34 4.57
N THR B 457 -20.31 6.39 4.50
CA THR B 457 -19.65 5.86 5.69
C THR B 457 -18.76 6.92 6.35
N LEU B 458 -18.03 7.66 5.53
CA LEU B 458 -17.08 8.66 6.02
C LEU B 458 -17.73 9.81 6.79
N LEU B 459 -18.86 10.30 6.27
CA LEU B 459 -19.61 11.34 6.96
C LEU B 459 -20.10 10.83 8.30
N GLY B 460 -20.74 9.66 8.29
CA GLY B 460 -21.16 9.01 9.51
C GLY B 460 -20.05 8.92 10.54
N LEU B 461 -18.85 8.56 10.09
CA LEU B 461 -17.69 8.49 10.97
C LEU B 461 -17.27 9.88 11.44
N SER B 462 -17.11 10.79 10.49
CA SER B 462 -16.80 12.18 10.77
C SER B 462 -17.73 12.69 11.88
N LYS B 463 -19.02 12.48 11.67
CA LYS B 463 -20.08 12.91 12.58
C LYS B 463 -19.94 12.29 13.97
N LEU B 464 -19.68 10.99 14.01
CA LEU B 464 -19.52 10.27 15.28
C LEU B 464 -18.21 10.67 15.95
N ALA B 465 -17.27 11.11 15.14
CA ALA B 465 -16.01 11.64 15.65
C ALA B 465 -16.28 12.96 16.35
N ALA B 466 -16.94 13.86 15.63
CA ALA B 466 -17.22 15.20 16.11
C ALA B 466 -18.10 15.17 17.35
N LEU B 467 -19.13 14.34 17.33
CA LEU B 467 -20.02 14.22 18.47
C LEU B 467 -19.25 13.73 19.70
N ALA B 468 -18.33 12.80 19.50
CA ALA B 468 -17.56 12.23 20.61
C ALA B 468 -16.42 13.14 21.06
N SER B 469 -16.16 14.19 20.29
CA SER B 469 -15.07 15.10 20.60
C SER B 469 -15.50 16.18 21.60
N ASP B 470 -14.62 17.15 21.82
CA ASP B 470 -14.84 18.15 22.87
C ASP B 470 -15.07 19.57 22.35
N PHE B 471 -15.92 19.70 21.33
CA PHE B 471 -16.31 21.01 20.83
C PHE B 471 -17.23 21.68 21.85
N SER B 472 -17.21 23.01 21.89
CA SER B 472 -18.16 23.74 22.71
C SER B 472 -19.52 23.58 22.08
N GLU B 473 -20.58 23.58 22.88
CA GLU B 473 -21.92 23.33 22.35
C GLU B 473 -22.25 24.20 21.14
N ASP B 474 -21.52 25.29 20.98
CA ASP B 474 -21.71 26.18 19.84
C ASP B 474 -21.06 25.61 18.59
N MET B 475 -19.76 25.33 18.69
CA MET B 475 -19.01 24.76 17.58
C MET B 475 -19.64 23.45 17.13
N LEU B 476 -20.02 22.61 18.10
CA LEU B 476 -20.65 21.33 17.81
C LEU B 476 -21.90 21.54 16.98
N GLN B 477 -22.69 22.54 17.36
CA GLN B 477 -23.93 22.85 16.66
C GLN B 477 -23.67 23.31 15.24
N GLU B 478 -22.45 23.78 14.98
CA GLU B 478 -22.09 24.22 13.64
C GLU B 478 -21.67 23.01 12.79
N LYS B 479 -20.84 22.16 13.37
CA LYS B 479 -20.37 20.96 12.69
C LYS B 479 -21.52 20.04 12.29
N ILE B 480 -22.55 19.97 13.14
CA ILE B 480 -23.70 19.10 12.91
C ILE B 480 -24.75 19.75 12.02
N GLU B 481 -24.63 21.05 11.79
CA GLU B 481 -25.53 21.75 10.90
C GLU B 481 -24.98 21.78 9.48
N GLU B 482 -23.72 22.16 9.35
CA GLU B 482 -23.03 22.08 8.06
C GLU B 482 -23.05 20.64 7.59
N MET B 483 -23.12 19.72 8.55
CA MET B 483 -23.20 18.31 8.26
C MET B 483 -24.60 17.95 7.78
N ALA B 484 -25.60 18.33 8.57
CA ALA B 484 -27.00 18.07 8.22
C ALA B 484 -27.27 18.40 6.76
N GLU B 485 -26.56 19.39 6.24
CA GLU B 485 -26.64 19.75 4.82
C GLU B 485 -26.18 18.60 3.94
N GLN B 486 -24.95 18.13 4.17
CA GLN B 486 -24.40 17.04 3.40
C GLN B 486 -25.37 15.86 3.37
N GLU B 487 -25.80 15.42 4.55
CA GLU B 487 -26.76 14.32 4.65
C GLU B 487 -28.03 14.62 3.87
N ARG B 488 -28.36 15.91 3.74
CA ARG B 488 -29.57 16.33 3.03
C ARG B 488 -29.48 16.12 1.52
N PHE B 489 -28.33 16.43 0.93
CA PHE B 489 -28.13 16.18 -0.48
C PHE B 489 -28.07 14.67 -0.72
N LEU B 490 -27.23 13.99 0.05
CA LEU B 490 -27.04 12.55 -0.11
C LEU B 490 -28.36 11.79 -0.09
N LEU B 491 -29.11 11.98 0.99
CA LEU B 491 -30.43 11.37 1.14
C LEU B 491 -31.19 11.24 -0.19
N HIS B 492 -30.94 12.18 -1.10
CA HIS B 492 -31.57 12.15 -2.42
C HIS B 492 -31.19 10.90 -3.22
N GLN B 493 -29.90 10.74 -3.52
CA GLN B 493 -29.43 9.51 -4.18
C GLN B 493 -29.80 8.27 -3.37
N GLU B 494 -29.99 8.48 -2.07
CA GLU B 494 -30.28 7.40 -1.14
C GLU B 494 -31.67 6.82 -1.38
N THR B 495 -32.63 7.69 -1.62
CA THR B 495 -34.02 7.28 -1.73
C THR B 495 -34.40 6.89 -3.16
N LEU B 496 -33.40 6.59 -3.99
CA LEU B 496 -33.67 6.19 -5.37
C LEU B 496 -34.48 4.90 -5.41
N PRO B 497 -35.65 4.95 -6.07
CA PRO B 497 -36.59 3.82 -6.12
C PRO B 497 -35.89 2.52 -6.53
N GLU B 498 -36.46 1.39 -6.13
CA GLU B 498 -35.85 0.10 -6.36
C GLU B 498 -36.40 -0.54 -7.62
N GLN B 499 -37.20 0.22 -8.37
CA GLN B 499 -37.74 -0.24 -9.63
C GLN B 499 -36.78 0.11 -10.77
N LEU B 500 -36.30 1.35 -10.76
CA LEU B 500 -35.42 1.84 -11.82
C LEU B 500 -33.97 1.44 -11.60
N LEU B 501 -33.63 0.97 -10.41
CA LEU B 501 -32.25 0.59 -10.11
C LEU B 501 -31.97 -0.87 -10.47
N ALA B 502 -33.03 -1.60 -10.81
CA ALA B 502 -32.88 -2.94 -11.36
C ALA B 502 -33.20 -2.88 -12.85
N GLU B 503 -33.98 -1.87 -13.22
CA GLU B 503 -34.20 -1.53 -14.61
C GLU B 503 -32.89 -1.09 -15.24
N LYS B 504 -32.32 -0.03 -14.68
CA LYS B 504 -31.04 0.49 -15.16
C LYS B 504 -29.89 -0.46 -14.83
N GLN B 505 -30.22 -1.58 -14.21
CA GLN B 505 -29.24 -2.63 -13.94
C GLN B 505 -28.07 -2.08 -13.12
N LEU B 506 -28.40 -1.29 -12.09
CA LEU B 506 -27.39 -0.64 -11.27
C LEU B 506 -26.95 -1.46 -10.06
N ASN B 507 -25.67 -1.39 -9.73
CA ASN B 507 -25.16 -1.98 -8.51
C ASN B 507 -25.75 -1.26 -7.30
N LEU B 508 -26.18 -2.02 -6.30
CA LEU B 508 -26.81 -1.45 -5.12
C LEU B 508 -25.95 -0.40 -4.43
N SER B 509 -24.78 -0.81 -3.96
CA SER B 509 -23.88 0.07 -3.24
C SER B 509 -22.66 0.43 -4.10
N ALA B 510 -22.22 -0.52 -4.91
CA ALA B 510 -21.01 -0.35 -5.70
C ALA B 510 -21.19 0.65 -6.85
N MET B 511 -21.91 1.72 -6.57
CA MET B 511 -22.13 2.77 -7.57
C MET B 511 -21.50 4.09 -7.11
N PRO B 512 -21.27 5.02 -8.05
CA PRO B 512 -20.59 6.29 -7.77
C PRO B 512 -21.46 7.35 -7.08
N VAL B 513 -20.79 8.36 -6.54
CA VAL B 513 -21.45 9.54 -5.99
C VAL B 513 -22.01 10.39 -7.12
N LEU B 514 -23.30 10.25 -7.38
CA LEU B 514 -23.96 10.96 -8.48
C LEU B 514 -24.14 12.45 -8.15
N THR B 515 -24.25 13.27 -9.19
CA THR B 515 -24.44 14.71 -9.02
C THR B 515 -25.89 15.09 -9.27
N ALA B 516 -26.26 16.29 -8.83
CA ALA B 516 -27.63 16.78 -8.95
C ALA B 516 -28.28 16.49 -10.31
N PRO B 517 -27.56 16.79 -11.40
CA PRO B 517 -28.10 16.54 -12.76
C PRO B 517 -28.47 15.08 -12.96
N GLN B 518 -27.49 14.18 -12.86
CA GLN B 518 -27.74 12.76 -13.03
C GLN B 518 -28.95 12.33 -12.22
N LEU B 519 -29.00 12.79 -10.97
CA LEU B 519 -30.12 12.48 -10.10
C LEU B 519 -31.44 13.02 -10.66
N ILE B 520 -31.51 14.33 -10.89
CA ILE B 520 -32.73 14.94 -11.42
C ILE B 520 -33.20 14.23 -12.68
N GLY B 521 -32.24 13.87 -13.53
CA GLY B 521 -32.56 13.23 -14.80
C GLY B 521 -32.93 11.77 -14.65
N LEU B 522 -32.48 11.15 -13.57
CA LEU B 522 -32.72 9.73 -13.34
C LEU B 522 -34.03 9.54 -12.56
N TYR B 523 -34.39 10.55 -11.78
CA TYR B 523 -35.64 10.56 -11.02
C TYR B 523 -36.83 10.82 -11.93
N ILE B 524 -36.53 11.10 -13.19
CA ILE B 524 -37.55 11.53 -14.12
C ILE B 524 -37.55 10.65 -15.37
N CYS B 525 -36.59 9.73 -15.42
CA CYS B 525 -36.51 8.81 -16.55
C CYS B 525 -37.80 8.06 -16.77
N GLU B 526 -38.04 7.65 -18.01
CA GLU B 526 -39.21 6.86 -18.35
C GLU B 526 -39.05 5.45 -17.78
N GLU B 527 -37.89 5.21 -17.18
CA GLU B 527 -37.58 3.95 -16.54
C GLU B 527 -38.21 3.93 -15.15
N ASN B 528 -38.13 5.07 -14.48
CA ASN B 528 -38.79 5.27 -13.20
C ASN B 528 -40.30 5.28 -13.42
N ARG B 529 -40.93 4.12 -13.29
CA ARG B 529 -42.34 3.96 -13.64
C ARG B 529 -43.35 4.49 -12.63
N ARG B 530 -43.16 4.16 -11.35
CA ARG B 530 -44.10 4.57 -10.33
C ARG B 530 -43.86 6.00 -9.85
N ALA B 531 -43.12 6.78 -10.64
CA ALA B 531 -42.78 8.16 -10.27
C ALA B 531 -44.00 8.93 -9.76
N ASN B 532 -43.96 9.33 -8.50
CA ASN B 532 -45.06 10.06 -7.89
C ASN B 532 -44.62 11.43 -7.41
N GLU B 533 -45.57 12.22 -6.92
CA GLU B 533 -45.31 13.58 -6.44
C GLU B 533 -43.92 13.77 -5.80
N TYR B 534 -43.49 12.81 -4.98
CA TYR B 534 -42.25 12.95 -4.21
C TYR B 534 -41.00 12.82 -5.07
N ASP B 535 -41.10 12.10 -6.18
CA ASP B 535 -39.97 11.89 -7.08
C ASP B 535 -39.60 13.16 -7.85
N PHE B 536 -40.61 13.97 -8.17
CA PHE B 536 -40.39 15.23 -8.85
C PHE B 536 -40.07 16.34 -7.86
N LYS B 537 -40.80 16.38 -6.75
CA LYS B 537 -40.54 17.36 -5.70
C LYS B 537 -39.07 17.33 -5.32
N LYS B 538 -38.50 16.13 -5.27
CA LYS B 538 -37.09 15.95 -4.96
C LYS B 538 -36.23 16.19 -6.20
N ALA B 539 -36.86 16.13 -7.37
CA ALA B 539 -36.17 16.45 -8.61
C ALA B 539 -36.30 17.93 -8.92
N LEU B 540 -36.90 18.67 -7.98
CA LEU B 540 -36.90 20.13 -8.02
C LEU B 540 -36.20 20.66 -6.78
N ASP B 541 -35.83 19.76 -5.88
CA ASP B 541 -35.07 20.14 -4.70
C ASP B 541 -33.58 20.07 -5.01
N LEU B 542 -33.22 19.36 -6.08
CA LEU B 542 -31.83 19.15 -6.43
C LEU B 542 -31.36 20.12 -7.51
N LEU B 543 -31.93 21.32 -7.51
CA LEU B 543 -31.58 22.34 -8.46
C LEU B 543 -30.61 23.33 -7.81
N GLU B 544 -30.72 23.47 -6.49
CA GLU B 544 -29.77 24.29 -5.75
C GLU B 544 -28.49 23.49 -5.50
N TYR B 545 -28.39 22.35 -6.16
CA TYR B 545 -27.21 21.50 -6.02
C TYR B 545 -26.45 21.41 -7.35
N ILE B 546 -26.31 22.55 -8.02
CA ILE B 546 -25.79 22.58 -9.39
C ILE B 546 -24.37 23.09 -9.57
N ASP B 547 -24.20 24.41 -9.46
CA ASP B 547 -22.94 25.11 -9.80
C ASP B 547 -23.02 25.71 -11.21
N ILE B 552 -24.85 24.77 -15.84
CA ILE B 552 -25.51 25.09 -17.11
C ILE B 552 -27.02 25.29 -16.94
N ASN B 553 -27.73 25.38 -18.06
CA ASN B 553 -29.13 25.85 -18.08
C ASN B 553 -30.06 25.38 -16.97
N ILE B 554 -30.40 26.28 -16.06
CA ILE B 554 -31.33 25.99 -14.97
C ILE B 554 -32.76 25.81 -15.46
N ASN B 555 -33.30 26.85 -16.10
CA ASN B 555 -34.70 26.89 -16.45
C ASN B 555 -35.09 26.11 -17.71
N ASP B 556 -34.12 25.42 -18.30
CA ASP B 556 -34.41 24.48 -19.38
C ASP B 556 -34.95 23.20 -18.77
N LEU B 557 -34.32 22.79 -17.66
CA LEU B 557 -34.69 21.61 -16.91
C LEU B 557 -35.99 21.82 -16.14
N LYS B 558 -36.08 22.98 -15.49
CA LYS B 558 -37.28 23.40 -14.79
C LYS B 558 -38.51 23.08 -15.65
N LEU B 559 -38.29 23.07 -16.96
CA LEU B 559 -39.35 22.77 -17.92
C LEU B 559 -39.35 21.30 -18.26
N GLU B 560 -38.17 20.77 -18.59
CA GLU B 560 -38.02 19.36 -18.93
C GLU B 560 -38.82 18.48 -17.97
N ILE B 561 -38.77 18.82 -16.69
CA ILE B 561 -39.34 17.99 -15.63
C ILE B 561 -40.85 18.21 -15.41
N LEU B 562 -41.30 19.45 -15.53
CA LEU B 562 -42.72 19.79 -15.37
C LEU B 562 -43.52 19.24 -16.54
N CYS B 563 -42.79 18.89 -17.60
CA CYS B 563 -43.40 18.44 -18.83
C CYS B 563 -43.60 16.93 -18.82
N LYS B 564 -42.62 16.20 -18.32
CA LYS B 564 -42.81 14.76 -18.07
C LYS B 564 -43.68 14.60 -16.85
N ALA B 565 -43.90 15.70 -16.14
CA ALA B 565 -44.82 15.71 -15.01
C ALA B 565 -46.24 15.66 -15.54
N LEU B 566 -46.40 15.83 -16.84
CA LEU B 566 -47.72 15.86 -17.47
C LEU B 566 -47.90 14.65 -18.39
N GLN B 567 -46.81 14.20 -19.00
CA GLN B 567 -46.84 13.02 -19.84
C GLN B 567 -47.31 11.84 -19.01
N ARG B 568 -46.86 11.80 -17.76
CA ARG B 568 -47.25 10.74 -16.83
C ARG B 568 -48.68 10.92 -16.37
N ASP B 569 -49.17 12.16 -16.42
CA ASP B 569 -50.52 12.47 -16.00
C ASP B 569 -51.57 11.79 -16.89
N ASN B 570 -51.23 11.60 -18.16
CA ASN B 570 -52.17 11.00 -19.12
C ASN B 570 -53.47 11.78 -19.18
N TRP B 571 -53.40 13.04 -19.61
CA TRP B 571 -54.59 13.88 -19.65
C TRP B 571 -55.63 13.35 -20.65
N VAL B 583 -53.41 15.31 -11.90
CA VAL B 583 -53.42 14.72 -10.57
C VAL B 583 -52.10 14.93 -9.87
N SER B 584 -51.01 14.70 -10.59
CA SER B 584 -49.66 14.86 -10.03
C SER B 584 -49.20 16.31 -10.12
N LYS B 585 -49.35 16.92 -11.29
CA LYS B 585 -49.11 18.36 -11.42
C LYS B 585 -49.89 19.06 -10.33
N ASP B 586 -51.17 18.72 -10.22
CA ASP B 586 -52.02 19.19 -9.13
C ASP B 586 -51.23 19.22 -7.82
N SER B 587 -50.83 18.04 -7.37
CA SER B 587 -50.19 17.88 -6.06
C SER B 587 -48.89 18.67 -5.92
N ILE B 588 -48.03 18.62 -6.94
CA ILE B 588 -46.73 19.26 -6.83
C ILE B 588 -46.86 20.78 -6.71
N PHE B 589 -47.99 21.31 -7.15
CA PHE B 589 -48.28 22.72 -6.95
C PHE B 589 -48.87 22.92 -5.55
N VAL B 590 -49.30 21.81 -4.96
CA VAL B 590 -49.82 21.80 -3.60
C VAL B 590 -48.67 21.60 -2.62
N LYS B 591 -47.56 21.06 -3.10
CA LYS B 591 -46.41 20.73 -2.25
C LYS B 591 -45.41 21.88 -2.15
N ILE B 592 -45.44 22.77 -3.12
CA ILE B 592 -44.45 23.85 -3.19
C ILE B 592 -44.63 24.89 -2.07
N LEU B 593 -45.87 25.13 -1.67
CA LEU B 593 -46.14 26.07 -0.60
C LEU B 593 -46.08 25.41 0.78
N LEU B 607 -43.72 31.36 -7.19
CA LEU B 607 -44.38 30.59 -8.25
C LEU B 607 -44.06 31.03 -9.68
N PRO B 608 -43.68 32.30 -9.88
CA PRO B 608 -43.24 32.68 -11.23
C PRO B 608 -41.94 31.97 -11.63
N GLU B 609 -41.76 30.77 -11.08
CA GLU B 609 -40.70 29.87 -11.48
C GLU B 609 -41.10 29.19 -12.79
N VAL B 610 -42.16 28.40 -12.72
CA VAL B 610 -42.74 27.71 -13.87
C VAL B 610 -42.85 28.67 -15.05
N LYS B 611 -42.82 28.14 -16.27
CA LYS B 611 -43.03 28.97 -17.44
C LYS B 611 -44.48 28.87 -17.90
N ASP B 612 -44.77 29.34 -19.12
CA ASP B 612 -46.08 29.09 -19.73
C ASP B 612 -46.07 28.97 -21.25
N LEU B 613 -46.21 30.10 -21.94
CA LEU B 613 -46.22 30.05 -23.40
C LEU B 613 -45.04 29.21 -23.85
N LEU B 614 -43.92 29.42 -23.17
CA LEU B 614 -42.72 28.64 -23.37
C LEU B 614 -43.00 27.16 -23.20
N GLN B 615 -44.02 26.84 -22.39
CA GLN B 615 -44.34 25.45 -22.09
C GLN B 615 -44.93 24.75 -23.29
N ALA B 616 -46.10 25.20 -23.72
CA ALA B 616 -46.74 24.64 -24.90
C ALA B 616 -45.77 24.55 -26.07
N ASP B 617 -44.61 25.19 -25.97
CA ASP B 617 -43.55 24.98 -26.94
C ASP B 617 -43.01 23.55 -26.82
N GLU B 629 -54.03 20.92 -23.05
CA GLU B 629 -54.01 22.38 -23.19
C GLU B 629 -55.32 22.99 -22.74
N PHE B 630 -56.25 22.13 -22.35
CA PHE B 630 -57.56 22.58 -21.91
C PHE B 630 -57.59 22.74 -20.40
N VAL B 631 -56.77 21.97 -19.72
CA VAL B 631 -56.74 22.00 -18.27
C VAL B 631 -55.36 22.42 -17.76
N LEU B 632 -54.48 22.76 -18.69
CA LEU B 632 -53.18 23.33 -18.33
C LEU B 632 -53.38 24.79 -18.00
N LYS B 633 -54.19 25.45 -18.81
CA LYS B 633 -54.56 26.82 -18.56
C LYS B 633 -55.60 26.83 -17.46
N ALA B 634 -56.43 25.78 -17.45
CA ALA B 634 -57.49 25.67 -16.47
C ALA B 634 -56.96 25.53 -15.05
N ASN B 635 -55.81 24.87 -14.90
CA ASN B 635 -55.19 24.75 -13.59
C ASN B 635 -54.27 25.94 -13.35
N TYR B 636 -53.90 26.63 -14.43
CA TYR B 636 -53.08 27.81 -14.32
C TYR B 636 -53.91 29.05 -13.98
N GLU B 637 -55.19 28.85 -13.68
CA GLU B 637 -56.06 29.94 -13.26
C GLU B 637 -56.28 29.87 -11.76
N TYR B 638 -56.61 28.68 -11.26
CA TYR B 638 -56.63 28.44 -9.82
C TYR B 638 -55.19 28.16 -9.36
N TYR B 639 -54.24 28.72 -10.08
CA TYR B 639 -52.83 28.75 -9.69
C TYR B 639 -52.37 30.20 -9.64
N VAL B 640 -53.23 31.08 -10.14
CA VAL B 640 -53.03 32.53 -10.01
C VAL B 640 -53.85 33.01 -8.83
N GLN B 641 -54.81 32.19 -8.39
CA GLN B 641 -55.60 32.48 -7.20
C GLN B 641 -54.91 31.91 -5.96
N GLY B 642 -54.20 30.79 -6.14
CA GLY B 642 -53.46 30.17 -5.06
C GLY B 642 -52.26 31.00 -4.66
N GLN B 643 -51.45 31.36 -5.64
CA GLN B 643 -50.27 32.20 -5.40
C GLN B 643 -50.69 33.54 -4.82
N ILE B 644 -51.92 33.95 -5.13
CA ILE B 644 -52.47 35.19 -4.59
C ILE B 644 -53.43 34.90 -3.44
#